data_3HFE
# 
_entry.id   3HFE 
# 
_audit_conform.dict_name       mmcif_pdbx.dic 
_audit_conform.dict_version    5.387 
_audit_conform.dict_location   http://mmcif.pdb.org/dictionaries/ascii/mmcif_pdbx.dic 
# 
loop_
_database_2.database_id 
_database_2.database_code 
_database_2.pdbx_database_accession 
_database_2.pdbx_DOI 
PDB   3HFE         pdb_00003hfe 10.2210/pdb3hfe/pdb 
RCSB  RCSB053067   ?            ?                   
WWPDB D_1000053067 ?            ?                   
# 
loop_
_pdbx_audit_revision_history.ordinal 
_pdbx_audit_revision_history.data_content_type 
_pdbx_audit_revision_history.major_revision 
_pdbx_audit_revision_history.minor_revision 
_pdbx_audit_revision_history.revision_date 
1 'Structure model' 1 0 2009-09-01 
2 'Structure model' 1 1 2011-07-13 
3 'Structure model' 1 2 2017-11-01 
4 'Structure model' 1 3 2024-02-21 
# 
_pdbx_audit_revision_details.ordinal             1 
_pdbx_audit_revision_details.revision_ordinal    1 
_pdbx_audit_revision_details.data_content_type   'Structure model' 
_pdbx_audit_revision_details.provider            repository 
_pdbx_audit_revision_details.type                'Initial release' 
_pdbx_audit_revision_details.description         ? 
_pdbx_audit_revision_details.details             ? 
# 
loop_
_pdbx_audit_revision_group.ordinal 
_pdbx_audit_revision_group.revision_ordinal 
_pdbx_audit_revision_group.data_content_type 
_pdbx_audit_revision_group.group 
1 2 'Structure model' 'Refinement description'    
2 2 'Structure model' 'Version format compliance' 
3 3 'Structure model' 'Refinement description'    
4 4 'Structure model' 'Data collection'           
5 4 'Structure model' 'Database references'       
6 4 'Structure model' 'Derived calculations'      
# 
loop_
_pdbx_audit_revision_category.ordinal 
_pdbx_audit_revision_category.revision_ordinal 
_pdbx_audit_revision_category.data_content_type 
_pdbx_audit_revision_category.category 
1 3 'Structure model' software                     
2 4 'Structure model' chem_comp_atom               
3 4 'Structure model' chem_comp_bond               
4 4 'Structure model' database_2                   
5 4 'Structure model' pdbx_struct_special_symmetry 
6 4 'Structure model' struct_ref_seq_dif           
# 
loop_
_pdbx_audit_revision_item.ordinal 
_pdbx_audit_revision_item.revision_ordinal 
_pdbx_audit_revision_item.data_content_type 
_pdbx_audit_revision_item.item 
1  3 'Structure model' '_software.classification'            
2  3 'Structure model' '_software.contact_author'            
3  3 'Structure model' '_software.contact_author_email'      
4  3 'Structure model' '_software.date'                      
5  3 'Structure model' '_software.language'                  
6  3 'Structure model' '_software.location'                  
7  3 'Structure model' '_software.name'                      
8  3 'Structure model' '_software.type'                      
9  3 'Structure model' '_software.version'                   
10 4 'Structure model' '_database_2.pdbx_DOI'                
11 4 'Structure model' '_database_2.pdbx_database_accession' 
12 4 'Structure model' '_struct_ref_seq_dif.details'         
# 
_pdbx_database_status.entry_id                        3HFE 
_pdbx_database_status.deposit_site                    RCSB 
_pdbx_database_status.process_site                    RCSB 
_pdbx_database_status.recvd_initial_deposition_date   2009-05-11 
_pdbx_database_status.status_code                     REL 
_pdbx_database_status.status_code_sf                  REL 
_pdbx_database_status.status_code_mr                  ? 
_pdbx_database_status.SG_entry                        ? 
_pdbx_database_status.pdb_format_compatible           Y 
_pdbx_database_status.status_code_cs                  ? 
_pdbx_database_status.methods_development_category    ? 
_pdbx_database_status.status_code_nmr_data            ? 
# 
_pdbx_database_related.db_name        PDB 
_pdbx_database_related.db_id          3HFC 
_pdbx_database_related.details        'A trimeric form of the Kv7.1 A domain Tail, L602M/L606M mutant Semet' 
_pdbx_database_related.content_type   unspecified 
# 
loop_
_audit_author.name 
_audit_author.pdbx_ordinal 
'Xu, Q.'      1 
'Minor, D.L.' 2 
# 
_citation.id                        primary 
_citation.title                     
;Crystal structure of a trimeric form of the K(V)7.1 (KCNQ1) A-domain tail coiled-coil reveals structural plasticity and context dependent changes in a putative coiled-coil trimerization motif.
;
_citation.journal_abbrev            'Protein Sci.' 
_citation.journal_volume            18 
_citation.page_first                2100 
_citation.page_last                 2114 
_citation.year                      2009 
_citation.journal_id_ASTM           PRCIEI 
_citation.country                   US 
_citation.journal_id_ISSN           0961-8368 
_citation.journal_id_CSD            0795 
_citation.book_publisher            ? 
_citation.pdbx_database_id_PubMed   19693805 
_citation.pdbx_database_id_DOI      10.1002/pro.224 
# 
loop_
_citation_author.citation_id 
_citation_author.name 
_citation_author.ordinal 
_citation_author.identifier_ORCID 
primary 'Xu, Q.'      1 ? 
primary 'Minor, D.L.' 2 ? 
# 
loop_
_entity.id 
_entity.type 
_entity.src_method 
_entity.pdbx_description 
_entity.formula_weight 
_entity.pdbx_number_of_molecules 
_entity.pdbx_ec 
_entity.pdbx_mutation 
_entity.pdbx_fragment 
_entity.details 
1 polymer man 'Potassium voltage-gated channel subfamily KQT member 1' 3386.797 3  ? ? 'UNP residues 583-611' ? 
2 water   nat water                                                    18.015   66 ? ? ?                      ? 
# 
_entity_name_com.entity_id   1 
_entity_name_com.name        
'Voltage-gated potassium channel subunit Kv7.1, IKs producing slow voltage-gated potassium channel subunit alpha KvLQT1, KQT-like 1' 
# 
_entity_poly.entity_id                      1 
_entity_poly.type                           'polypeptide(L)' 
_entity_poly.nstd_linkage                   no 
_entity_poly.nstd_monomer                   no 
_entity_poly.pdbx_seq_one_letter_code       GARGSNTIGARLNRVEDKVTQLDQRLALITD 
_entity_poly.pdbx_seq_one_letter_code_can   GARGSNTIGARLNRVEDKVTQLDQRLALITD 
_entity_poly.pdbx_strand_id                 A,B,C 
_entity_poly.pdbx_target_identifier         ? 
# 
_pdbx_entity_nonpoly.entity_id   2 
_pdbx_entity_nonpoly.name        water 
_pdbx_entity_nonpoly.comp_id     HOH 
# 
loop_
_entity_poly_seq.entity_id 
_entity_poly_seq.num 
_entity_poly_seq.mon_id 
_entity_poly_seq.hetero 
1 1  GLY n 
1 2  ALA n 
1 3  ARG n 
1 4  GLY n 
1 5  SER n 
1 6  ASN n 
1 7  THR n 
1 8  ILE n 
1 9  GLY n 
1 10 ALA n 
1 11 ARG n 
1 12 LEU n 
1 13 ASN n 
1 14 ARG n 
1 15 VAL n 
1 16 GLU n 
1 17 ASP n 
1 18 LYS n 
1 19 VAL n 
1 20 THR n 
1 21 GLN n 
1 22 LEU n 
1 23 ASP n 
1 24 GLN n 
1 25 ARG n 
1 26 LEU n 
1 27 ALA n 
1 28 LEU n 
1 29 ILE n 
1 30 THR n 
1 31 ASP n 
# 
_entity_src_gen.entity_id                          1 
_entity_src_gen.pdbx_src_id                        1 
_entity_src_gen.pdbx_alt_source_flag               sample 
_entity_src_gen.pdbx_seq_type                      ? 
_entity_src_gen.pdbx_beg_seq_num                   ? 
_entity_src_gen.pdbx_end_seq_num                   ? 
_entity_src_gen.gene_src_common_name               human 
_entity_src_gen.gene_src_genus                     ? 
_entity_src_gen.pdbx_gene_src_gene                 'KCNQ1, KCNA8, KCNA9, KVLQT1' 
_entity_src_gen.gene_src_species                   ? 
_entity_src_gen.gene_src_strain                    ? 
_entity_src_gen.gene_src_tissue                    ? 
_entity_src_gen.gene_src_tissue_fraction           ? 
_entity_src_gen.gene_src_details                   ? 
_entity_src_gen.pdbx_gene_src_fragment             ? 
_entity_src_gen.pdbx_gene_src_scientific_name      'Homo sapiens' 
_entity_src_gen.pdbx_gene_src_ncbi_taxonomy_id     9606 
_entity_src_gen.pdbx_gene_src_variant              ? 
_entity_src_gen.pdbx_gene_src_cell_line            ? 
_entity_src_gen.pdbx_gene_src_atcc                 ? 
_entity_src_gen.pdbx_gene_src_organ                ? 
_entity_src_gen.pdbx_gene_src_organelle            ? 
_entity_src_gen.pdbx_gene_src_cell                 ? 
_entity_src_gen.pdbx_gene_src_cellular_location    ? 
_entity_src_gen.host_org_common_name               ? 
_entity_src_gen.pdbx_host_org_scientific_name      'Escherichia coli' 
_entity_src_gen.pdbx_host_org_ncbi_taxonomy_id     562 
_entity_src_gen.host_org_genus                     ? 
_entity_src_gen.pdbx_host_org_gene                 ? 
_entity_src_gen.pdbx_host_org_organ                ? 
_entity_src_gen.host_org_species                   ? 
_entity_src_gen.pdbx_host_org_tissue               ? 
_entity_src_gen.pdbx_host_org_tissue_fraction      ? 
_entity_src_gen.pdbx_host_org_strain               'BL21(pLys)S' 
_entity_src_gen.pdbx_host_org_variant              ? 
_entity_src_gen.pdbx_host_org_cell_line            ? 
_entity_src_gen.pdbx_host_org_atcc                 ? 
_entity_src_gen.pdbx_host_org_culture_collection   ? 
_entity_src_gen.pdbx_host_org_cell                 ? 
_entity_src_gen.pdbx_host_org_organelle            ? 
_entity_src_gen.pdbx_host_org_cellular_location    ? 
_entity_src_gen.pdbx_host_org_vector_type          ? 
_entity_src_gen.pdbx_host_org_vector               ? 
_entity_src_gen.host_org_details                   ? 
_entity_src_gen.expression_system_id               ? 
_entity_src_gen.plasmid_name                       ? 
_entity_src_gen.plasmid_details                    ? 
_entity_src_gen.pdbx_description                   ? 
# 
loop_
_chem_comp.id 
_chem_comp.type 
_chem_comp.mon_nstd_flag 
_chem_comp.name 
_chem_comp.pdbx_synonyms 
_chem_comp.formula 
_chem_comp.formula_weight 
ALA 'L-peptide linking' y ALANINE         ? 'C3 H7 N O2'     89.093  
ARG 'L-peptide linking' y ARGININE        ? 'C6 H15 N4 O2 1' 175.209 
ASN 'L-peptide linking' y ASPARAGINE      ? 'C4 H8 N2 O3'    132.118 
ASP 'L-peptide linking' y 'ASPARTIC ACID' ? 'C4 H7 N O4'     133.103 
GLN 'L-peptide linking' y GLUTAMINE       ? 'C5 H10 N2 O3'   146.144 
GLU 'L-peptide linking' y 'GLUTAMIC ACID' ? 'C5 H9 N O4'     147.129 
GLY 'peptide linking'   y GLYCINE         ? 'C2 H5 N O2'     75.067  
HOH non-polymer         . WATER           ? 'H2 O'           18.015  
ILE 'L-peptide linking' y ISOLEUCINE      ? 'C6 H13 N O2'    131.173 
LEU 'L-peptide linking' y LEUCINE         ? 'C6 H13 N O2'    131.173 
LYS 'L-peptide linking' y LYSINE          ? 'C6 H15 N2 O2 1' 147.195 
SER 'L-peptide linking' y SERINE          ? 'C3 H7 N O3'     105.093 
THR 'L-peptide linking' y THREONINE       ? 'C4 H9 N O3'     119.119 
VAL 'L-peptide linking' y VALINE          ? 'C5 H11 N O2'    117.146 
# 
loop_
_pdbx_poly_seq_scheme.asym_id 
_pdbx_poly_seq_scheme.entity_id 
_pdbx_poly_seq_scheme.seq_id 
_pdbx_poly_seq_scheme.mon_id 
_pdbx_poly_seq_scheme.ndb_seq_num 
_pdbx_poly_seq_scheme.pdb_seq_num 
_pdbx_poly_seq_scheme.auth_seq_num 
_pdbx_poly_seq_scheme.pdb_mon_id 
_pdbx_poly_seq_scheme.auth_mon_id 
_pdbx_poly_seq_scheme.pdb_strand_id 
_pdbx_poly_seq_scheme.pdb_ins_code 
_pdbx_poly_seq_scheme.hetero 
A 1 1  GLY 1  581 ?   ?   ?   A . n 
A 1 2  ALA 2  582 ?   ?   ?   A . n 
A 1 3  ARG 3  583 ?   ?   ?   A . n 
A 1 4  GLY 4  584 ?   ?   ?   A . n 
A 1 5  SER 5  585 585 SER SER A . n 
A 1 6  ASN 6  586 586 ASN ASN A . n 
A 1 7  THR 7  587 587 THR THR A . n 
A 1 8  ILE 8  588 588 ILE ILE A . n 
A 1 9  GLY 9  589 589 GLY GLY A . n 
A 1 10 ALA 10 590 590 ALA ALA A . n 
A 1 11 ARG 11 591 591 ARG ARG A . n 
A 1 12 LEU 12 592 592 LEU LEU A . n 
A 1 13 ASN 13 593 593 ASN ASN A . n 
A 1 14 ARG 14 594 594 ARG ARG A . n 
A 1 15 VAL 15 595 595 VAL VAL A . n 
A 1 16 GLU 16 596 596 GLU GLU A . n 
A 1 17 ASP 17 597 597 ASP ASP A . n 
A 1 18 LYS 18 598 598 LYS LYS A . n 
A 1 19 VAL 19 599 599 VAL VAL A . n 
A 1 20 THR 20 600 600 THR THR A . n 
A 1 21 GLN 21 601 601 GLN GLN A . n 
A 1 22 LEU 22 602 602 LEU LEU A . n 
A 1 23 ASP 23 603 603 ASP ASP A . n 
A 1 24 GLN 24 604 604 GLN GLN A . n 
A 1 25 ARG 25 605 605 ARG ARG A . n 
A 1 26 LEU 26 606 606 LEU LEU A . n 
A 1 27 ALA 27 607 607 ALA ALA A . n 
A 1 28 LEU 28 608 608 LEU LEU A . n 
A 1 29 ILE 29 609 609 ILE ILE A . n 
A 1 30 THR 30 610 610 THR THR A . n 
A 1 31 ASP 31 611 611 ASP ASP A . n 
B 1 1  GLY 1  581 ?   ?   ?   B . n 
B 1 2  ALA 2  582 ?   ?   ?   B . n 
B 1 3  ARG 3  583 ?   ?   ?   B . n 
B 1 4  GLY 4  584 ?   ?   ?   B . n 
B 1 5  SER 5  585 ?   ?   ?   B . n 
B 1 6  ASN 6  586 586 ASN ASN B . n 
B 1 7  THR 7  587 587 THR THR B . n 
B 1 8  ILE 8  588 588 ILE ILE B . n 
B 1 9  GLY 9  589 589 GLY GLY B . n 
B 1 10 ALA 10 590 590 ALA ALA B . n 
B 1 11 ARG 11 591 591 ARG ARG B . n 
B 1 12 LEU 12 592 592 LEU LEU B . n 
B 1 13 ASN 13 593 593 ASN ASN B . n 
B 1 14 ARG 14 594 594 ARG ARG B . n 
B 1 15 VAL 15 595 595 VAL VAL B . n 
B 1 16 GLU 16 596 596 GLU GLU B . n 
B 1 17 ASP 17 597 597 ASP ASP B . n 
B 1 18 LYS 18 598 598 LYS LYS B . n 
B 1 19 VAL 19 599 599 VAL VAL B . n 
B 1 20 THR 20 600 600 THR THR B . n 
B 1 21 GLN 21 601 601 GLN GLN B . n 
B 1 22 LEU 22 602 602 LEU LEU B . n 
B 1 23 ASP 23 603 603 ASP ASP B . n 
B 1 24 GLN 24 604 604 GLN GLN B . n 
B 1 25 ARG 25 605 605 ARG ARG B . n 
B 1 26 LEU 26 606 606 LEU LEU B . n 
B 1 27 ALA 27 607 607 ALA ALA B . n 
B 1 28 LEU 28 608 608 LEU LEU B . n 
B 1 29 ILE 29 609 609 ILE ILE B . n 
B 1 30 THR 30 610 610 THR THR B . n 
B 1 31 ASP 31 611 611 ASP ASP B . n 
C 1 1  GLY 1  581 ?   ?   ?   C . n 
C 1 2  ALA 2  582 ?   ?   ?   C . n 
C 1 3  ARG 3  583 ?   ?   ?   C . n 
C 1 4  GLY 4  584 ?   ?   ?   C . n 
C 1 5  SER 5  585 ?   ?   ?   C . n 
C 1 6  ASN 6  586 586 ASN ASN C . n 
C 1 7  THR 7  587 587 THR THR C . n 
C 1 8  ILE 8  588 588 ILE ILE C . n 
C 1 9  GLY 9  589 589 GLY GLY C . n 
C 1 10 ALA 10 590 590 ALA ALA C . n 
C 1 11 ARG 11 591 591 ARG ARG C . n 
C 1 12 LEU 12 592 592 LEU LEU C . n 
C 1 13 ASN 13 593 593 ASN ASN C . n 
C 1 14 ARG 14 594 594 ARG ARG C . n 
C 1 15 VAL 15 595 595 VAL VAL C . n 
C 1 16 GLU 16 596 596 GLU GLU C . n 
C 1 17 ASP 17 597 597 ASP ASP C . n 
C 1 18 LYS 18 598 598 LYS LYS C . n 
C 1 19 VAL 19 599 599 VAL VAL C . n 
C 1 20 THR 20 600 600 THR THR C . n 
C 1 21 GLN 21 601 601 GLN GLN C . n 
C 1 22 LEU 22 602 602 LEU LEU C . n 
C 1 23 ASP 23 603 603 ASP ASP C . n 
C 1 24 GLN 24 604 604 GLN GLN C . n 
C 1 25 ARG 25 605 605 ARG ARG C . n 
C 1 26 LEU 26 606 606 LEU LEU C . n 
C 1 27 ALA 27 607 607 ALA ALA C . n 
C 1 28 LEU 28 608 608 LEU LEU C . n 
C 1 29 ILE 29 609 609 ILE ILE C . n 
C 1 30 THR 30 610 610 THR THR C . n 
C 1 31 ASP 31 611 611 ASP ASP C . n 
# 
loop_
_pdbx_nonpoly_scheme.asym_id 
_pdbx_nonpoly_scheme.entity_id 
_pdbx_nonpoly_scheme.mon_id 
_pdbx_nonpoly_scheme.ndb_seq_num 
_pdbx_nonpoly_scheme.pdb_seq_num 
_pdbx_nonpoly_scheme.auth_seq_num 
_pdbx_nonpoly_scheme.pdb_mon_id 
_pdbx_nonpoly_scheme.auth_mon_id 
_pdbx_nonpoly_scheme.pdb_strand_id 
_pdbx_nonpoly_scheme.pdb_ins_code 
D 2 HOH 1  1  1  HOH HOH A . 
D 2 HOH 2  3  3  HOH HOH A . 
D 2 HOH 3  4  4  HOH HOH A . 
D 2 HOH 4  13 13 HOH HOH A . 
D 2 HOH 5  15 15 HOH HOH A . 
D 2 HOH 6  16 16 HOH HOH A . 
D 2 HOH 7  24 24 HOH HOH A . 
D 2 HOH 8  26 26 HOH HOH A . 
D 2 HOH 9  27 27 HOH HOH A . 
D 2 HOH 10 29 29 HOH HOH A . 
D 2 HOH 11 32 32 HOH HOH A . 
D 2 HOH 12 36 36 HOH HOH A . 
D 2 HOH 13 37 37 HOH HOH A . 
D 2 HOH 14 38 38 HOH HOH A . 
D 2 HOH 15 39 39 HOH HOH A . 
D 2 HOH 16 40 40 HOH HOH A . 
D 2 HOH 17 44 44 HOH HOH A . 
D 2 HOH 18 48 48 HOH HOH A . 
D 2 HOH 19 51 51 HOH HOH A . 
D 2 HOH 20 59 59 HOH HOH A . 
D 2 HOH 21 60 60 HOH HOH A . 
D 2 HOH 22 61 61 HOH HOH A . 
D 2 HOH 23 64 64 HOH HOH A . 
D 2 HOH 24 66 66 HOH HOH A . 
E 2 HOH 1  5  5  HOH HOH B . 
E 2 HOH 2  8  8  HOH HOH B . 
E 2 HOH 3  9  9  HOH HOH B . 
E 2 HOH 4  10 10 HOH HOH B . 
E 2 HOH 5  11 11 HOH HOH B . 
E 2 HOH 6  12 12 HOH HOH B . 
E 2 HOH 7  14 14 HOH HOH B . 
E 2 HOH 8  17 17 HOH HOH B . 
E 2 HOH 9  18 18 HOH HOH B . 
E 2 HOH 10 19 19 HOH HOH B . 
E 2 HOH 11 21 21 HOH HOH B . 
E 2 HOH 12 25 25 HOH HOH B . 
E 2 HOH 13 28 28 HOH HOH B . 
E 2 HOH 14 30 30 HOH HOH B . 
E 2 HOH 15 31 31 HOH HOH B . 
E 2 HOH 16 41 41 HOH HOH B . 
E 2 HOH 17 50 50 HOH HOH B . 
E 2 HOH 18 52 52 HOH HOH B . 
E 2 HOH 19 53 53 HOH HOH B . 
E 2 HOH 20 57 57 HOH HOH B . 
F 2 HOH 1  2  2  HOH HOH C . 
F 2 HOH 2  6  6  HOH HOH C . 
F 2 HOH 3  7  7  HOH HOH C . 
F 2 HOH 4  20 20 HOH HOH C . 
F 2 HOH 5  22 22 HOH HOH C . 
F 2 HOH 6  23 23 HOH HOH C . 
F 2 HOH 7  33 33 HOH HOH C . 
F 2 HOH 8  34 34 HOH HOH C . 
F 2 HOH 9  35 35 HOH HOH C . 
F 2 HOH 10 42 42 HOH HOH C . 
F 2 HOH 11 43 43 HOH HOH C . 
F 2 HOH 12 45 45 HOH HOH C . 
F 2 HOH 13 46 46 HOH HOH C . 
F 2 HOH 14 47 47 HOH HOH C . 
F 2 HOH 15 49 49 HOH HOH C . 
F 2 HOH 16 54 54 HOH HOH C . 
F 2 HOH 17 55 55 HOH HOH C . 
F 2 HOH 18 56 56 HOH HOH C . 
F 2 HOH 19 58 58 HOH HOH C . 
F 2 HOH 20 62 62 HOH HOH C . 
F 2 HOH 21 63 63 HOH HOH C . 
F 2 HOH 22 65 65 HOH HOH C . 
# 
loop_
_software.pdbx_ordinal 
_software.name 
_software.version 
_software.date 
_software.type 
_software.contact_author 
_software.contact_author_email 
_software.classification 
_software.location 
_software.language 
_software.citation_id 
1 DENZO       .        ?               package 'Zbyszek Otwinowski' hkl@hkl-xray.com      'data reduction'  
http://www.hkl-xray.com/                     ?          ? 
2 SCALEPACK   .        ?               package 'Zbyszek Otwinowski' hkl@hkl-xray.com      'data scaling'    
http://www.hkl-xray.com/                     ?          ? 
3 REFMAC      5.4.0067 ?               program 'Garib N. Murshudov' garib@ysbl.york.ac.uk refinement        
http://www.ccp4.ac.uk/dist/html/refmac5.html Fortran_77 ? 
4 PDB_EXTRACT 3.005    'June 11, 2008' package PDB                  help@deposit.rcsb.org 'data extraction' 
http://sw-tools.pdb.org/apps/PDB_EXTRACT/    C++        ? 
5 HKL-2000    .        ?               ?       ?                    ?                     'data collection' ? ?          ? 
6 HKL-2000    .        ?               ?       ?                    ?                     'data reduction'  ? ?          ? 
# 
_cell.length_a           59.789 
_cell.length_b           40.838 
_cell.length_c           34.830 
_cell.angle_alpha        90.000 
_cell.angle_beta         118.410 
_cell.angle_gamma        90.000 
_cell.entry_id           3HFE 
_cell.pdbx_unique_axis   ? 
_cell.Z_PDB              12 
_cell.length_a_esd       ? 
_cell.length_b_esd       ? 
_cell.length_c_esd       ? 
_cell.angle_alpha_esd    ? 
_cell.angle_beta_esd     ? 
_cell.angle_gamma_esd    ? 
# 
_symmetry.space_group_name_H-M             'C 1 2 1' 
_symmetry.entry_id                         3HFE 
_symmetry.Int_Tables_number                5 
_symmetry.pdbx_full_space_group_name_H-M   ? 
_symmetry.cell_setting                     ? 
_symmetry.space_group_name_Hall            ? 
# 
_exptl.crystals_number   1 
_exptl.entry_id          3HFE 
_exptl.method            'X-RAY DIFFRACTION' 
# 
_exptl_crystal.id                    1 
_exptl_crystal.density_Matthews      1.84 
_exptl_crystal.density_meas          ? 
_exptl_crystal.density_percent_sol   33.17 
_exptl_crystal.description           ? 
_exptl_crystal.F_000                 ? 
_exptl_crystal.preparation           ? 
# 
_exptl_crystal_grow.crystal_id      1 
_exptl_crystal_grow.method          'VAPOR DIFFUSION, HANGING DROP' 
_exptl_crystal_grow.pH              6.5 
_exptl_crystal_grow.temp            292 
_exptl_crystal_grow.temp_details    ? 
_exptl_crystal_grow.pdbx_details    '1.6M sodium citrate, pH 6.5, VAPOR DIFFUSION, HANGING DROP, temperature 292K' 
_exptl_crystal_grow.pdbx_pH_range   ? 
# 
_diffrn.id                     1 
_diffrn.ambient_temp           ? 
_diffrn.ambient_temp_details   ? 
_diffrn.crystal_id             1 
# 
_diffrn_detector.diffrn_id              1 
_diffrn_detector.detector               CCD 
_diffrn_detector.type                   'ADSC QUANTUM 210' 
_diffrn_detector.pdbx_collection_date   2005-09-13 
_diffrn_detector.details                ? 
# 
_diffrn_radiation.diffrn_id                        1 
_diffrn_radiation.wavelength_id                    1 
_diffrn_radiation.pdbx_diffrn_protocol             'SINGLE WAVELENGTH' 
_diffrn_radiation.monochromator                    ? 
_diffrn_radiation.pdbx_monochromatic_or_laue_m_l   M 
_diffrn_radiation.pdbx_scattering_type             x-ray 
# 
_diffrn_radiation_wavelength.id           1 
_diffrn_radiation_wavelength.wavelength   . 
_diffrn_radiation_wavelength.wt           1.0 
# 
_diffrn_source.diffrn_id                   1 
_diffrn_source.source                      SYNCHROTRON 
_diffrn_source.type                        'ALS BEAMLINE 8.3.1' 
_diffrn_source.pdbx_wavelength             ? 
_diffrn_source.pdbx_wavelength_list        ? 
_diffrn_source.pdbx_synchrotron_site       ALS 
_diffrn_source.pdbx_synchrotron_beamline   8.3.1 
# 
_reflns.entry_id                     3HFE 
_reflns.d_resolution_high            1.700 
_reflns.d_resolution_low             30.000 
_reflns.number_obs                   8174 
_reflns.pdbx_Rmerge_I_obs            0.102 
_reflns.pdbx_netI_over_sigmaI        16.986 
_reflns.pdbx_chi_squared             1.600 
_reflns.pdbx_redundancy              3.300 
_reflns.percent_possible_obs         98.000 
_reflns.observed_criterion_sigma_F   ? 
_reflns.observed_criterion_sigma_I   ? 
_reflns.number_all                   ? 
_reflns.pdbx_Rsym_value              ? 
_reflns.B_iso_Wilson_estimate        ? 
_reflns.R_free_details               ? 
_reflns.limit_h_max                  ? 
_reflns.limit_h_min                  ? 
_reflns.limit_k_max                  ? 
_reflns.limit_k_min                  ? 
_reflns.limit_l_max                  ? 
_reflns.limit_l_min                  ? 
_reflns.observed_criterion_F_max     ? 
_reflns.observed_criterion_F_min     ? 
_reflns.pdbx_scaling_rejects         ? 
_reflns.pdbx_ordinal                 1 
_reflns.pdbx_diffrn_id               1 
# 
_reflns_shell.d_res_high             1.70 
_reflns_shell.d_res_low              1.76 
_reflns_shell.number_measured_obs    ? 
_reflns_shell.number_measured_all    ? 
_reflns_shell.number_unique_obs      ? 
_reflns_shell.Rmerge_I_obs           0.230 
_reflns_shell.meanI_over_sigI_obs    ? 
_reflns_shell.pdbx_Rsym_value        ? 
_reflns_shell.pdbx_chi_squared       1.016 
_reflns_shell.pdbx_redundancy        3.10 
_reflns_shell.percent_possible_obs   ? 
_reflns_shell.number_unique_all      746 
_reflns_shell.percent_possible_all   88.60 
_reflns_shell.pdbx_ordinal           1 
_reflns_shell.pdbx_diffrn_id         1 
# 
_refine.entry_id                                 3HFE 
_refine.ls_d_res_high                            1.70 
_refine.ls_d_res_low                             27.41 
_refine.pdbx_ls_sigma_F                          0.00 
_refine.pdbx_data_cutoff_high_absF               ? 
_refine.pdbx_data_cutoff_low_absF                ? 
_refine.ls_percent_reflns_obs                    97.720 
_refine.ls_number_reflns_obs                     8174 
_refine.ls_number_reflns_all                     ? 
_refine.pdbx_ls_cross_valid_method               THROUGHOUT 
_refine.pdbx_R_Free_selection_details            RANDOM 
_refine.details                                  'HYDROGENS HAVE BEEN ADDED IN THE RIDING POSITIONS' 
_refine.ls_R_factor_all                          ? 
_refine.ls_R_factor_obs                          0.201 
_refine.ls_R_factor_R_work                       0.198 
_refine.ls_wR_factor_R_work                      ? 
_refine.ls_R_factor_R_free                       0.251 
_refine.ls_wR_factor_R_free                      ? 
_refine.ls_percent_reflns_R_free                 4.600 
_refine.ls_number_reflns_R_free                  377 
_refine.ls_R_factor_R_free_error                 ? 
_refine.B_iso_mean                               10.419 
_refine.solvent_model_param_bsol                 ? 
_refine.solvent_model_param_ksol                 ? 
_refine.pdbx_isotropic_thermal_model             ? 
_refine.aniso_B[1][1]                            0.660 
_refine.aniso_B[2][2]                            -1.480 
_refine.aniso_B[3][3]                            1.440 
_refine.aniso_B[1][2]                            0.000 
_refine.aniso_B[1][3]                            0.660 
_refine.aniso_B[2][3]                            0.000 
_refine.correlation_coeff_Fo_to_Fc               0.946 
_refine.correlation_coeff_Fo_to_Fc_free          0.908 
_refine.overall_SU_R_Cruickshank_DPI             ? 
_refine.overall_SU_R_free                        ? 
_refine.pdbx_overall_ESU_R                       0.128 
_refine.pdbx_overall_ESU_R_Free                  0.131 
_refine.overall_SU_ML                            0.085 
_refine.overall_SU_B                             5.022 
_refine.solvent_model_details                    'BABINET MODEL WITH MASK' 
_refine.pdbx_solvent_vdw_probe_radii             1.200 
_refine.pdbx_solvent_ion_probe_radii             0.800 
_refine.pdbx_solvent_shrinkage_radii             0.800 
_refine.ls_number_parameters                     ? 
_refine.ls_number_restraints                     ? 
_refine.pdbx_starting_model                      ? 
_refine.pdbx_method_to_determine_struct          'MOLECULAR REPLACEMENT' 
_refine.pdbx_stereochemistry_target_values       'MAXIMUM LIKELIHOOD' 
_refine.pdbx_stereochem_target_val_spec_case     ? 
_refine.overall_FOM_work_R_set                   ? 
_refine.B_iso_max                                74.06 
_refine.B_iso_min                                2.00 
_refine.occupancy_max                            1.00 
_refine.occupancy_min                            0.50 
_refine.pdbx_ls_sigma_I                          ? 
_refine.ls_redundancy_reflns_obs                 ? 
_refine.ls_R_factor_R_free_error_details         ? 
_refine.pdbx_data_cutoff_high_rms_absF           ? 
_refine.overall_FOM_free_R_set                   ? 
_refine.pdbx_overall_phase_error                 ? 
_refine.pdbx_refine_id                           'X-RAY DIFFRACTION' 
_refine.pdbx_diffrn_id                           1 
_refine.pdbx_TLS_residual_ADP_flag               ? 
_refine.pdbx_overall_SU_R_free_Cruickshank_DPI   ? 
_refine.pdbx_overall_SU_R_Blow_DPI               ? 
_refine.pdbx_overall_SU_R_free_Blow_DPI          ? 
# 
_refine_hist.pdbx_refine_id                   'X-RAY DIFFRACTION' 
_refine_hist.cycle_id                         LAST 
_refine_hist.pdbx_number_atoms_protein        627 
_refine_hist.pdbx_number_atoms_nucleic_acid   0 
_refine_hist.pdbx_number_atoms_ligand         0 
_refine_hist.number_atoms_solvent             66 
_refine_hist.number_atoms_total               693 
_refine_hist.d_res_high                       1.70 
_refine_hist.d_res_low                        27.41 
# 
loop_
_refine_ls_restr.type 
_refine_ls_restr.number 
_refine_ls_restr.dev_ideal 
_refine_ls_restr.dev_ideal_target 
_refine_ls_restr.weight 
_refine_ls_restr.pdbx_refine_id 
_refine_ls_restr.pdbx_restraint_function 
r_bond_refined_d       633 0.019  0.022  ? 'X-RAY DIFFRACTION' ? 
r_angle_refined_deg    855 1.691  1.990  ? 'X-RAY DIFFRACTION' ? 
r_dihedral_angle_1_deg 78  4.675  5.000  ? 'X-RAY DIFFRACTION' ? 
r_dihedral_angle_2_deg 34  29.138 24.118 ? 'X-RAY DIFFRACTION' ? 
r_dihedral_angle_3_deg 127 15.568 15.000 ? 'X-RAY DIFFRACTION' ? 
r_dihedral_angle_4_deg 10  20.813 15.000 ? 'X-RAY DIFFRACTION' ? 
r_chiral_restr         110 0.123  0.200  ? 'X-RAY DIFFRACTION' ? 
r_gen_planes_refined   466 0.007  0.020  ? 'X-RAY DIFFRACTION' ? 
r_mcbond_it            395 1.114  1.500  ? 'X-RAY DIFFRACTION' ? 
r_mcangle_it           641 2.022  2.000  ? 'X-RAY DIFFRACTION' ? 
r_scbond_it            238 3.443  3.000  ? 'X-RAY DIFFRACTION' ? 
r_scangle_it           213 5.655  4.500  ? 'X-RAY DIFFRACTION' ? 
# 
_refine_ls_shell.d_res_high                       1.70 
_refine_ls_shell.d_res_low                        1.735 
_refine_ls_shell.pdbx_total_number_of_bins_used   20 
_refine_ls_shell.percent_reflns_obs               84.010 
_refine_ls_shell.number_reflns_R_work             498 
_refine_ls_shell.R_factor_all                     ? 
_refine_ls_shell.R_factor_R_work                  0.187 
_refine_ls_shell.R_factor_R_free                  0.323 
_refine_ls_shell.percent_reflns_R_free            ? 
_refine_ls_shell.number_reflns_R_free             17 
_refine_ls_shell.R_factor_R_free_error            ? 
_refine_ls_shell.number_reflns_all                515 
_refine_ls_shell.number_reflns_obs                ? 
_refine_ls_shell.redundancy_reflns_obs            ? 
_refine_ls_shell.pdbx_refine_id                   'X-RAY DIFFRACTION' 
# 
_struct.entry_id                  3HFE 
_struct.title                     'A trimeric form of the Kv7.1 A domain Tail' 
_struct.pdbx_model_details        ? 
_struct.pdbx_CASP_flag            ? 
_struct.pdbx_model_type_details   ? 
# 
_struct_keywords.entry_id        3HFE 
_struct_keywords.pdbx_keywords   'TRANSPORT PROTEIN' 
_struct_keywords.text            
;trimer, Atrial fibrillation, Cell membrane, Cytoplasmic vesicle, Deafness, Disease mutation, Glycoprotein, Ion transport, Ionic channel, Long QT syndrome, Membrane, Phosphoprotein, Potassium, Potassium channel, Potassium transport, Short QT syndrome, Transmembrane, Transport, Voltage-gated channel, TRANSPORT PROTEIN
;
# 
loop_
_struct_asym.id 
_struct_asym.pdbx_blank_PDB_chainid_flag 
_struct_asym.pdbx_modified 
_struct_asym.entity_id 
_struct_asym.details 
A N N 1 ? 
B N N 1 ? 
C N N 1 ? 
D N N 2 ? 
E N N 2 ? 
F N N 2 ? 
# 
_struct_ref.id                         1 
_struct_ref.db_name                    UNP 
_struct_ref.db_code                    KCNQ1_HUMAN 
_struct_ref.pdbx_db_accession          P51787 
_struct_ref.entity_id                  1 
_struct_ref.pdbx_seq_one_letter_code   RGSNTIGARLNRVEDKVTQLDQRLALITD 
_struct_ref.pdbx_align_begin           583 
_struct_ref.pdbx_db_isoform            ? 
# 
loop_
_struct_ref_seq.align_id 
_struct_ref_seq.ref_id 
_struct_ref_seq.pdbx_PDB_id_code 
_struct_ref_seq.pdbx_strand_id 
_struct_ref_seq.seq_align_beg 
_struct_ref_seq.pdbx_seq_align_beg_ins_code 
_struct_ref_seq.seq_align_end 
_struct_ref_seq.pdbx_seq_align_end_ins_code 
_struct_ref_seq.pdbx_db_accession 
_struct_ref_seq.db_align_beg 
_struct_ref_seq.pdbx_db_align_beg_ins_code 
_struct_ref_seq.db_align_end 
_struct_ref_seq.pdbx_db_align_end_ins_code 
_struct_ref_seq.pdbx_auth_seq_align_beg 
_struct_ref_seq.pdbx_auth_seq_align_end 
1 1 3HFE A 3 ? 31 ? P51787 583 ? 611 ? 583 611 
2 1 3HFE B 3 ? 31 ? P51787 583 ? 611 ? 583 611 
3 1 3HFE C 3 ? 31 ? P51787 583 ? 611 ? 583 611 
# 
loop_
_struct_ref_seq_dif.align_id 
_struct_ref_seq_dif.pdbx_pdb_id_code 
_struct_ref_seq_dif.mon_id 
_struct_ref_seq_dif.pdbx_pdb_strand_id 
_struct_ref_seq_dif.seq_num 
_struct_ref_seq_dif.pdbx_pdb_ins_code 
_struct_ref_seq_dif.pdbx_seq_db_name 
_struct_ref_seq_dif.pdbx_seq_db_accession_code 
_struct_ref_seq_dif.db_mon_id 
_struct_ref_seq_dif.pdbx_seq_db_seq_num 
_struct_ref_seq_dif.details 
_struct_ref_seq_dif.pdbx_auth_seq_num 
_struct_ref_seq_dif.pdbx_ordinal 
1 3HFE GLY A 1 ? UNP P51787 ? ? 'expression tag' 581 1 
1 3HFE ALA A 2 ? UNP P51787 ? ? 'expression tag' 582 2 
2 3HFE GLY B 1 ? UNP P51787 ? ? 'expression tag' 581 3 
2 3HFE ALA B 2 ? UNP P51787 ? ? 'expression tag' 582 4 
3 3HFE GLY C 1 ? UNP P51787 ? ? 'expression tag' 581 5 
3 3HFE ALA C 2 ? UNP P51787 ? ? 'expression tag' 582 6 
# 
_pdbx_struct_assembly.id                   1 
_pdbx_struct_assembly.details              author_and_software_defined_assembly 
_pdbx_struct_assembly.method_details       PISA 
_pdbx_struct_assembly.oligomeric_details   trimeric 
_pdbx_struct_assembly.oligomeric_count     3 
# 
loop_
_pdbx_struct_assembly_prop.biol_id 
_pdbx_struct_assembly_prop.type 
_pdbx_struct_assembly_prop.value 
_pdbx_struct_assembly_prop.details 
1 'ABSA (A^2)' 2910 ? 
1 MORE         -20  ? 
1 'SSA (A^2)'  5170 ? 
# 
_pdbx_struct_assembly_gen.assembly_id       1 
_pdbx_struct_assembly_gen.oper_expression   1 
_pdbx_struct_assembly_gen.asym_id_list      A,B,C,D,E,F 
# 
_pdbx_struct_oper_list.id                   1 
_pdbx_struct_oper_list.type                 'identity operation' 
_pdbx_struct_oper_list.name                 1_555 
_pdbx_struct_oper_list.symmetry_operation   x,y,z 
_pdbx_struct_oper_list.matrix[1][1]         1.0000000000 
_pdbx_struct_oper_list.matrix[1][2]         0.0000000000 
_pdbx_struct_oper_list.matrix[1][3]         0.0000000000 
_pdbx_struct_oper_list.vector[1]            0.0000000000 
_pdbx_struct_oper_list.matrix[2][1]         0.0000000000 
_pdbx_struct_oper_list.matrix[2][2]         1.0000000000 
_pdbx_struct_oper_list.matrix[2][3]         0.0000000000 
_pdbx_struct_oper_list.vector[2]            0.0000000000 
_pdbx_struct_oper_list.matrix[3][1]         0.0000000000 
_pdbx_struct_oper_list.matrix[3][2]         0.0000000000 
_pdbx_struct_oper_list.matrix[3][3]         1.0000000000 
_pdbx_struct_oper_list.vector[3]            0.0000000000 
# 
_struct_biol.id        1 
_struct_biol.details   ? 
# 
loop_
_struct_conf.conf_type_id 
_struct_conf.id 
_struct_conf.pdbx_PDB_helix_id 
_struct_conf.beg_label_comp_id 
_struct_conf.beg_label_asym_id 
_struct_conf.beg_label_seq_id 
_struct_conf.pdbx_beg_PDB_ins_code 
_struct_conf.end_label_comp_id 
_struct_conf.end_label_asym_id 
_struct_conf.end_label_seq_id 
_struct_conf.pdbx_end_PDB_ins_code 
_struct_conf.beg_auth_comp_id 
_struct_conf.beg_auth_asym_id 
_struct_conf.beg_auth_seq_id 
_struct_conf.end_auth_comp_id 
_struct_conf.end_auth_asym_id 
_struct_conf.end_auth_seq_id 
_struct_conf.pdbx_PDB_helix_class 
_struct_conf.details 
_struct_conf.pdbx_PDB_helix_length 
HELX_P HELX_P1 1 THR A 7 ? THR A 30 ? THR A 587 THR A 610 1 ? 24 
HELX_P HELX_P2 2 THR B 7 ? THR B 30 ? THR B 587 THR B 610 1 ? 24 
HELX_P HELX_P3 3 THR C 7 ? THR C 30 ? THR C 587 THR C 610 1 ? 24 
# 
_struct_conf_type.id          HELX_P 
_struct_conf_type.criteria    ? 
_struct_conf_type.reference   ? 
# 
_pdbx_struct_special_symmetry.id              1 
_pdbx_struct_special_symmetry.PDB_model_num   1 
_pdbx_struct_special_symmetry.auth_asym_id    A 
_pdbx_struct_special_symmetry.auth_comp_id    HOH 
_pdbx_struct_special_symmetry.auth_seq_id     59 
_pdbx_struct_special_symmetry.PDB_ins_code    ? 
_pdbx_struct_special_symmetry.label_asym_id   D 
_pdbx_struct_special_symmetry.label_comp_id   HOH 
_pdbx_struct_special_symmetry.label_seq_id    . 
# 
loop_
_pdbx_refine_tls.pdbx_refine_id 
_pdbx_refine_tls.id 
_pdbx_refine_tls.details 
_pdbx_refine_tls.method 
_pdbx_refine_tls.origin_x 
_pdbx_refine_tls.origin_y 
_pdbx_refine_tls.origin_z 
_pdbx_refine_tls.T[1][1] 
_pdbx_refine_tls.T[2][2] 
_pdbx_refine_tls.T[3][3] 
_pdbx_refine_tls.T[1][2] 
_pdbx_refine_tls.T[1][3] 
_pdbx_refine_tls.T[2][3] 
_pdbx_refine_tls.L[1][1] 
_pdbx_refine_tls.L[2][2] 
_pdbx_refine_tls.L[3][3] 
_pdbx_refine_tls.L[1][2] 
_pdbx_refine_tls.L[1][3] 
_pdbx_refine_tls.L[2][3] 
_pdbx_refine_tls.S[1][1] 
_pdbx_refine_tls.S[2][2] 
_pdbx_refine_tls.S[3][3] 
_pdbx_refine_tls.S[1][2] 
_pdbx_refine_tls.S[1][3] 
_pdbx_refine_tls.S[2][3] 
_pdbx_refine_tls.S[2][1] 
_pdbx_refine_tls.S[3][1] 
_pdbx_refine_tls.S[3][2] 
'X-RAY DIFFRACTION' 1 ? refined -4.4644 1.7900  -2.0384 0.0144 -0.0123 0.0641 -0.0921 0.0309 0.0640 2.7369 6.9512 6.0025 4.1017 -4.0109 -5.6940 -0.0366 0.1438  -0.1072 0.1595  0.0556 0.1022  0.0092  0.0288 -0.2366 
'X-RAY DIFFRACTION' 2 ? refined 2.7690  -3.2492 -3.2369 0.0727 -0.0580 0.0017 -0.0761 0.0438 0.0170 6.9952 9.0041 1.0426 7.2046 -2.6649 -2.5362 0.0076  -0.0011 -0.0064 -0.0633 0.0260 -0.0985 0.0810  0.0888 0.0604  
'X-RAY DIFFRACTION' 3 ? refined 1.7287  1.3601  5.1246  0.0950 -0.0540 0.0082 -0.0953 0.0434 0.0225 1.2280 9.1755 2.6789 2.8407 -1.3364 -4.5037 -0.0227 0.0128  0.0100  0.0183  0.0071 -0.0771 -0.0674 0.0882 -0.0283 
# 
loop_
_pdbx_refine_tls_group.pdbx_refine_id 
_pdbx_refine_tls_group.id 
_pdbx_refine_tls_group.refine_tls_id 
_pdbx_refine_tls_group.beg_auth_asym_id 
_pdbx_refine_tls_group.beg_auth_seq_id 
_pdbx_refine_tls_group.end_auth_asym_id 
_pdbx_refine_tls_group.end_auth_seq_id 
_pdbx_refine_tls_group.selection_details 
_pdbx_refine_tls_group.beg_label_asym_id 
_pdbx_refine_tls_group.beg_label_seq_id 
_pdbx_refine_tls_group.end_label_asym_id 
_pdbx_refine_tls_group.end_label_seq_id 
_pdbx_refine_tls_group.selection 
'X-RAY DIFFRACTION' 1 1 A 5 A 31 ? . . . . ? 
'X-RAY DIFFRACTION' 2 2 B 8 B 31 ? . . . . ? 
'X-RAY DIFFRACTION' 3 3 C 6 C 23 ? . . . . ? 
# 
loop_
_pdbx_unobs_or_zero_occ_residues.id 
_pdbx_unobs_or_zero_occ_residues.PDB_model_num 
_pdbx_unobs_or_zero_occ_residues.polymer_flag 
_pdbx_unobs_or_zero_occ_residues.occupancy_flag 
_pdbx_unobs_or_zero_occ_residues.auth_asym_id 
_pdbx_unobs_or_zero_occ_residues.auth_comp_id 
_pdbx_unobs_or_zero_occ_residues.auth_seq_id 
_pdbx_unobs_or_zero_occ_residues.PDB_ins_code 
_pdbx_unobs_or_zero_occ_residues.label_asym_id 
_pdbx_unobs_or_zero_occ_residues.label_comp_id 
_pdbx_unobs_or_zero_occ_residues.label_seq_id 
1  1 Y 1 A GLY 581 ? A GLY 1 
2  1 Y 1 A ALA 582 ? A ALA 2 
3  1 Y 1 A ARG 583 ? A ARG 3 
4  1 Y 1 A GLY 584 ? A GLY 4 
5  1 Y 1 B GLY 581 ? B GLY 1 
6  1 Y 1 B ALA 582 ? B ALA 2 
7  1 Y 1 B ARG 583 ? B ARG 3 
8  1 Y 1 B GLY 584 ? B GLY 4 
9  1 Y 1 B SER 585 ? B SER 5 
10 1 Y 1 C GLY 581 ? C GLY 1 
11 1 Y 1 C ALA 582 ? C ALA 2 
12 1 Y 1 C ARG 583 ? C ARG 3 
13 1 Y 1 C GLY 584 ? C GLY 4 
14 1 Y 1 C SER 585 ? C SER 5 
# 
loop_
_chem_comp_atom.comp_id 
_chem_comp_atom.atom_id 
_chem_comp_atom.type_symbol 
_chem_comp_atom.pdbx_aromatic_flag 
_chem_comp_atom.pdbx_stereo_config 
_chem_comp_atom.pdbx_ordinal 
ALA N    N N N 1   
ALA CA   C N S 2   
ALA C    C N N 3   
ALA O    O N N 4   
ALA CB   C N N 5   
ALA OXT  O N N 6   
ALA H    H N N 7   
ALA H2   H N N 8   
ALA HA   H N N 9   
ALA HB1  H N N 10  
ALA HB2  H N N 11  
ALA HB3  H N N 12  
ALA HXT  H N N 13  
ARG N    N N N 14  
ARG CA   C N S 15  
ARG C    C N N 16  
ARG O    O N N 17  
ARG CB   C N N 18  
ARG CG   C N N 19  
ARG CD   C N N 20  
ARG NE   N N N 21  
ARG CZ   C N N 22  
ARG NH1  N N N 23  
ARG NH2  N N N 24  
ARG OXT  O N N 25  
ARG H    H N N 26  
ARG H2   H N N 27  
ARG HA   H N N 28  
ARG HB2  H N N 29  
ARG HB3  H N N 30  
ARG HG2  H N N 31  
ARG HG3  H N N 32  
ARG HD2  H N N 33  
ARG HD3  H N N 34  
ARG HE   H N N 35  
ARG HH11 H N N 36  
ARG HH12 H N N 37  
ARG HH21 H N N 38  
ARG HH22 H N N 39  
ARG HXT  H N N 40  
ASN N    N N N 41  
ASN CA   C N S 42  
ASN C    C N N 43  
ASN O    O N N 44  
ASN CB   C N N 45  
ASN CG   C N N 46  
ASN OD1  O N N 47  
ASN ND2  N N N 48  
ASN OXT  O N N 49  
ASN H    H N N 50  
ASN H2   H N N 51  
ASN HA   H N N 52  
ASN HB2  H N N 53  
ASN HB3  H N N 54  
ASN HD21 H N N 55  
ASN HD22 H N N 56  
ASN HXT  H N N 57  
ASP N    N N N 58  
ASP CA   C N S 59  
ASP C    C N N 60  
ASP O    O N N 61  
ASP CB   C N N 62  
ASP CG   C N N 63  
ASP OD1  O N N 64  
ASP OD2  O N N 65  
ASP OXT  O N N 66  
ASP H    H N N 67  
ASP H2   H N N 68  
ASP HA   H N N 69  
ASP HB2  H N N 70  
ASP HB3  H N N 71  
ASP HD2  H N N 72  
ASP HXT  H N N 73  
GLN N    N N N 74  
GLN CA   C N S 75  
GLN C    C N N 76  
GLN O    O N N 77  
GLN CB   C N N 78  
GLN CG   C N N 79  
GLN CD   C N N 80  
GLN OE1  O N N 81  
GLN NE2  N N N 82  
GLN OXT  O N N 83  
GLN H    H N N 84  
GLN H2   H N N 85  
GLN HA   H N N 86  
GLN HB2  H N N 87  
GLN HB3  H N N 88  
GLN HG2  H N N 89  
GLN HG3  H N N 90  
GLN HE21 H N N 91  
GLN HE22 H N N 92  
GLN HXT  H N N 93  
GLU N    N N N 94  
GLU CA   C N S 95  
GLU C    C N N 96  
GLU O    O N N 97  
GLU CB   C N N 98  
GLU CG   C N N 99  
GLU CD   C N N 100 
GLU OE1  O N N 101 
GLU OE2  O N N 102 
GLU OXT  O N N 103 
GLU H    H N N 104 
GLU H2   H N N 105 
GLU HA   H N N 106 
GLU HB2  H N N 107 
GLU HB3  H N N 108 
GLU HG2  H N N 109 
GLU HG3  H N N 110 
GLU HE2  H N N 111 
GLU HXT  H N N 112 
GLY N    N N N 113 
GLY CA   C N N 114 
GLY C    C N N 115 
GLY O    O N N 116 
GLY OXT  O N N 117 
GLY H    H N N 118 
GLY H2   H N N 119 
GLY HA2  H N N 120 
GLY HA3  H N N 121 
GLY HXT  H N N 122 
HOH O    O N N 123 
HOH H1   H N N 124 
HOH H2   H N N 125 
ILE N    N N N 126 
ILE CA   C N S 127 
ILE C    C N N 128 
ILE O    O N N 129 
ILE CB   C N S 130 
ILE CG1  C N N 131 
ILE CG2  C N N 132 
ILE CD1  C N N 133 
ILE OXT  O N N 134 
ILE H    H N N 135 
ILE H2   H N N 136 
ILE HA   H N N 137 
ILE HB   H N N 138 
ILE HG12 H N N 139 
ILE HG13 H N N 140 
ILE HG21 H N N 141 
ILE HG22 H N N 142 
ILE HG23 H N N 143 
ILE HD11 H N N 144 
ILE HD12 H N N 145 
ILE HD13 H N N 146 
ILE HXT  H N N 147 
LEU N    N N N 148 
LEU CA   C N S 149 
LEU C    C N N 150 
LEU O    O N N 151 
LEU CB   C N N 152 
LEU CG   C N N 153 
LEU CD1  C N N 154 
LEU CD2  C N N 155 
LEU OXT  O N N 156 
LEU H    H N N 157 
LEU H2   H N N 158 
LEU HA   H N N 159 
LEU HB2  H N N 160 
LEU HB3  H N N 161 
LEU HG   H N N 162 
LEU HD11 H N N 163 
LEU HD12 H N N 164 
LEU HD13 H N N 165 
LEU HD21 H N N 166 
LEU HD22 H N N 167 
LEU HD23 H N N 168 
LEU HXT  H N N 169 
LYS N    N N N 170 
LYS CA   C N S 171 
LYS C    C N N 172 
LYS O    O N N 173 
LYS CB   C N N 174 
LYS CG   C N N 175 
LYS CD   C N N 176 
LYS CE   C N N 177 
LYS NZ   N N N 178 
LYS OXT  O N N 179 
LYS H    H N N 180 
LYS H2   H N N 181 
LYS HA   H N N 182 
LYS HB2  H N N 183 
LYS HB3  H N N 184 
LYS HG2  H N N 185 
LYS HG3  H N N 186 
LYS HD2  H N N 187 
LYS HD3  H N N 188 
LYS HE2  H N N 189 
LYS HE3  H N N 190 
LYS HZ1  H N N 191 
LYS HZ2  H N N 192 
LYS HZ3  H N N 193 
LYS HXT  H N N 194 
SER N    N N N 195 
SER CA   C N S 196 
SER C    C N N 197 
SER O    O N N 198 
SER CB   C N N 199 
SER OG   O N N 200 
SER OXT  O N N 201 
SER H    H N N 202 
SER H2   H N N 203 
SER HA   H N N 204 
SER HB2  H N N 205 
SER HB3  H N N 206 
SER HG   H N N 207 
SER HXT  H N N 208 
THR N    N N N 209 
THR CA   C N S 210 
THR C    C N N 211 
THR O    O N N 212 
THR CB   C N R 213 
THR OG1  O N N 214 
THR CG2  C N N 215 
THR OXT  O N N 216 
THR H    H N N 217 
THR H2   H N N 218 
THR HA   H N N 219 
THR HB   H N N 220 
THR HG1  H N N 221 
THR HG21 H N N 222 
THR HG22 H N N 223 
THR HG23 H N N 224 
THR HXT  H N N 225 
VAL N    N N N 226 
VAL CA   C N S 227 
VAL C    C N N 228 
VAL O    O N N 229 
VAL CB   C N N 230 
VAL CG1  C N N 231 
VAL CG2  C N N 232 
VAL OXT  O N N 233 
VAL H    H N N 234 
VAL H2   H N N 235 
VAL HA   H N N 236 
VAL HB   H N N 237 
VAL HG11 H N N 238 
VAL HG12 H N N 239 
VAL HG13 H N N 240 
VAL HG21 H N N 241 
VAL HG22 H N N 242 
VAL HG23 H N N 243 
VAL HXT  H N N 244 
# 
loop_
_chem_comp_bond.comp_id 
_chem_comp_bond.atom_id_1 
_chem_comp_bond.atom_id_2 
_chem_comp_bond.value_order 
_chem_comp_bond.pdbx_aromatic_flag 
_chem_comp_bond.pdbx_stereo_config 
_chem_comp_bond.pdbx_ordinal 
ALA N   CA   sing N N 1   
ALA N   H    sing N N 2   
ALA N   H2   sing N N 3   
ALA CA  C    sing N N 4   
ALA CA  CB   sing N N 5   
ALA CA  HA   sing N N 6   
ALA C   O    doub N N 7   
ALA C   OXT  sing N N 8   
ALA CB  HB1  sing N N 9   
ALA CB  HB2  sing N N 10  
ALA CB  HB3  sing N N 11  
ALA OXT HXT  sing N N 12  
ARG N   CA   sing N N 13  
ARG N   H    sing N N 14  
ARG N   H2   sing N N 15  
ARG CA  C    sing N N 16  
ARG CA  CB   sing N N 17  
ARG CA  HA   sing N N 18  
ARG C   O    doub N N 19  
ARG C   OXT  sing N N 20  
ARG CB  CG   sing N N 21  
ARG CB  HB2  sing N N 22  
ARG CB  HB3  sing N N 23  
ARG CG  CD   sing N N 24  
ARG CG  HG2  sing N N 25  
ARG CG  HG3  sing N N 26  
ARG CD  NE   sing N N 27  
ARG CD  HD2  sing N N 28  
ARG CD  HD3  sing N N 29  
ARG NE  CZ   sing N N 30  
ARG NE  HE   sing N N 31  
ARG CZ  NH1  sing N N 32  
ARG CZ  NH2  doub N N 33  
ARG NH1 HH11 sing N N 34  
ARG NH1 HH12 sing N N 35  
ARG NH2 HH21 sing N N 36  
ARG NH2 HH22 sing N N 37  
ARG OXT HXT  sing N N 38  
ASN N   CA   sing N N 39  
ASN N   H    sing N N 40  
ASN N   H2   sing N N 41  
ASN CA  C    sing N N 42  
ASN CA  CB   sing N N 43  
ASN CA  HA   sing N N 44  
ASN C   O    doub N N 45  
ASN C   OXT  sing N N 46  
ASN CB  CG   sing N N 47  
ASN CB  HB2  sing N N 48  
ASN CB  HB3  sing N N 49  
ASN CG  OD1  doub N N 50  
ASN CG  ND2  sing N N 51  
ASN ND2 HD21 sing N N 52  
ASN ND2 HD22 sing N N 53  
ASN OXT HXT  sing N N 54  
ASP N   CA   sing N N 55  
ASP N   H    sing N N 56  
ASP N   H2   sing N N 57  
ASP CA  C    sing N N 58  
ASP CA  CB   sing N N 59  
ASP CA  HA   sing N N 60  
ASP C   O    doub N N 61  
ASP C   OXT  sing N N 62  
ASP CB  CG   sing N N 63  
ASP CB  HB2  sing N N 64  
ASP CB  HB3  sing N N 65  
ASP CG  OD1  doub N N 66  
ASP CG  OD2  sing N N 67  
ASP OD2 HD2  sing N N 68  
ASP OXT HXT  sing N N 69  
GLN N   CA   sing N N 70  
GLN N   H    sing N N 71  
GLN N   H2   sing N N 72  
GLN CA  C    sing N N 73  
GLN CA  CB   sing N N 74  
GLN CA  HA   sing N N 75  
GLN C   O    doub N N 76  
GLN C   OXT  sing N N 77  
GLN CB  CG   sing N N 78  
GLN CB  HB2  sing N N 79  
GLN CB  HB3  sing N N 80  
GLN CG  CD   sing N N 81  
GLN CG  HG2  sing N N 82  
GLN CG  HG3  sing N N 83  
GLN CD  OE1  doub N N 84  
GLN CD  NE2  sing N N 85  
GLN NE2 HE21 sing N N 86  
GLN NE2 HE22 sing N N 87  
GLN OXT HXT  sing N N 88  
GLU N   CA   sing N N 89  
GLU N   H    sing N N 90  
GLU N   H2   sing N N 91  
GLU CA  C    sing N N 92  
GLU CA  CB   sing N N 93  
GLU CA  HA   sing N N 94  
GLU C   O    doub N N 95  
GLU C   OXT  sing N N 96  
GLU CB  CG   sing N N 97  
GLU CB  HB2  sing N N 98  
GLU CB  HB3  sing N N 99  
GLU CG  CD   sing N N 100 
GLU CG  HG2  sing N N 101 
GLU CG  HG3  sing N N 102 
GLU CD  OE1  doub N N 103 
GLU CD  OE2  sing N N 104 
GLU OE2 HE2  sing N N 105 
GLU OXT HXT  sing N N 106 
GLY N   CA   sing N N 107 
GLY N   H    sing N N 108 
GLY N   H2   sing N N 109 
GLY CA  C    sing N N 110 
GLY CA  HA2  sing N N 111 
GLY CA  HA3  sing N N 112 
GLY C   O    doub N N 113 
GLY C   OXT  sing N N 114 
GLY OXT HXT  sing N N 115 
HOH O   H1   sing N N 116 
HOH O   H2   sing N N 117 
ILE N   CA   sing N N 118 
ILE N   H    sing N N 119 
ILE N   H2   sing N N 120 
ILE CA  C    sing N N 121 
ILE CA  CB   sing N N 122 
ILE CA  HA   sing N N 123 
ILE C   O    doub N N 124 
ILE C   OXT  sing N N 125 
ILE CB  CG1  sing N N 126 
ILE CB  CG2  sing N N 127 
ILE CB  HB   sing N N 128 
ILE CG1 CD1  sing N N 129 
ILE CG1 HG12 sing N N 130 
ILE CG1 HG13 sing N N 131 
ILE CG2 HG21 sing N N 132 
ILE CG2 HG22 sing N N 133 
ILE CG2 HG23 sing N N 134 
ILE CD1 HD11 sing N N 135 
ILE CD1 HD12 sing N N 136 
ILE CD1 HD13 sing N N 137 
ILE OXT HXT  sing N N 138 
LEU N   CA   sing N N 139 
LEU N   H    sing N N 140 
LEU N   H2   sing N N 141 
LEU CA  C    sing N N 142 
LEU CA  CB   sing N N 143 
LEU CA  HA   sing N N 144 
LEU C   O    doub N N 145 
LEU C   OXT  sing N N 146 
LEU CB  CG   sing N N 147 
LEU CB  HB2  sing N N 148 
LEU CB  HB3  sing N N 149 
LEU CG  CD1  sing N N 150 
LEU CG  CD2  sing N N 151 
LEU CG  HG   sing N N 152 
LEU CD1 HD11 sing N N 153 
LEU CD1 HD12 sing N N 154 
LEU CD1 HD13 sing N N 155 
LEU CD2 HD21 sing N N 156 
LEU CD2 HD22 sing N N 157 
LEU CD2 HD23 sing N N 158 
LEU OXT HXT  sing N N 159 
LYS N   CA   sing N N 160 
LYS N   H    sing N N 161 
LYS N   H2   sing N N 162 
LYS CA  C    sing N N 163 
LYS CA  CB   sing N N 164 
LYS CA  HA   sing N N 165 
LYS C   O    doub N N 166 
LYS C   OXT  sing N N 167 
LYS CB  CG   sing N N 168 
LYS CB  HB2  sing N N 169 
LYS CB  HB3  sing N N 170 
LYS CG  CD   sing N N 171 
LYS CG  HG2  sing N N 172 
LYS CG  HG3  sing N N 173 
LYS CD  CE   sing N N 174 
LYS CD  HD2  sing N N 175 
LYS CD  HD3  sing N N 176 
LYS CE  NZ   sing N N 177 
LYS CE  HE2  sing N N 178 
LYS CE  HE3  sing N N 179 
LYS NZ  HZ1  sing N N 180 
LYS NZ  HZ2  sing N N 181 
LYS NZ  HZ3  sing N N 182 
LYS OXT HXT  sing N N 183 
SER N   CA   sing N N 184 
SER N   H    sing N N 185 
SER N   H2   sing N N 186 
SER CA  C    sing N N 187 
SER CA  CB   sing N N 188 
SER CA  HA   sing N N 189 
SER C   O    doub N N 190 
SER C   OXT  sing N N 191 
SER CB  OG   sing N N 192 
SER CB  HB2  sing N N 193 
SER CB  HB3  sing N N 194 
SER OG  HG   sing N N 195 
SER OXT HXT  sing N N 196 
THR N   CA   sing N N 197 
THR N   H    sing N N 198 
THR N   H2   sing N N 199 
THR CA  C    sing N N 200 
THR CA  CB   sing N N 201 
THR CA  HA   sing N N 202 
THR C   O    doub N N 203 
THR C   OXT  sing N N 204 
THR CB  OG1  sing N N 205 
THR CB  CG2  sing N N 206 
THR CB  HB   sing N N 207 
THR OG1 HG1  sing N N 208 
THR CG2 HG21 sing N N 209 
THR CG2 HG22 sing N N 210 
THR CG2 HG23 sing N N 211 
THR OXT HXT  sing N N 212 
VAL N   CA   sing N N 213 
VAL N   H    sing N N 214 
VAL N   H2   sing N N 215 
VAL CA  C    sing N N 216 
VAL CA  CB   sing N N 217 
VAL CA  HA   sing N N 218 
VAL C   O    doub N N 219 
VAL C   OXT  sing N N 220 
VAL CB  CG1  sing N N 221 
VAL CB  CG2  sing N N 222 
VAL CB  HB   sing N N 223 
VAL CG1 HG11 sing N N 224 
VAL CG1 HG12 sing N N 225 
VAL CG1 HG13 sing N N 226 
VAL CG2 HG21 sing N N 227 
VAL CG2 HG22 sing N N 228 
VAL CG2 HG23 sing N N 229 
VAL OXT HXT  sing N N 230 
# 
_atom_sites.entry_id                    3HFE 
_atom_sites.fract_transf_matrix[1][1]   -0.01698601 
_atom_sites.fract_transf_matrix[1][2]   0.00689878 
_atom_sites.fract_transf_matrix[1][3]   -0.00504541 
_atom_sites.fract_transf_matrix[2][1]   0.00237879 
_atom_sites.fract_transf_matrix[2][2]   -0.01029759 
_atom_sites.fract_transf_matrix[2][3]   -0.02208878 
_atom_sites.fract_transf_matrix[3][1]   -0.02647305 
_atom_sites.fract_transf_matrix[3][2]   -0.01824074 
_atom_sites.fract_transf_matrix[3][3]   0.00565273 
_atom_sites.fract_transf_vector[1]      0.294296 
_atom_sites.fract_transf_vector[2]      0.092603 
_atom_sites.fract_transf_vector[3]      0.089915 
# 
loop_
_atom_type.symbol 
C 
N 
O 
# 
loop_
_atom_site.group_PDB 
_atom_site.id 
_atom_site.type_symbol 
_atom_site.label_atom_id 
_atom_site.label_alt_id 
_atom_site.label_comp_id 
_atom_site.label_asym_id 
_atom_site.label_entity_id 
_atom_site.label_seq_id 
_atom_site.pdbx_PDB_ins_code 
_atom_site.Cartn_x 
_atom_site.Cartn_y 
_atom_site.Cartn_z 
_atom_site.occupancy 
_atom_site.B_iso_or_equiv 
_atom_site.pdbx_formal_charge 
_atom_site.auth_seq_id 
_atom_site.auth_comp_id 
_atom_site.auth_asym_id 
_atom_site.auth_atom_id 
_atom_site.pdbx_PDB_model_num 
ATOM   1   N N   . SER A 1 5  ? -0.815  11.574  -16.837 1.00 16.60 ? 585 SER A N   1 
ATOM   2   C CA  . SER A 1 5  ? -1.341  10.478  -15.982 1.00 16.82 ? 585 SER A CA  1 
ATOM   3   C C   . SER A 1 5  ? -0.223  9.578   -15.455 1.00 14.70 ? 585 SER A C   1 
ATOM   4   O O   . SER A 1 5  ? -0.492  8.626   -14.737 1.00 16.35 ? 585 SER A O   1 
ATOM   5   C CB  . SER A 1 5  ? -2.369  9.649   -16.755 1.00 17.65 ? 585 SER A CB  1 
ATOM   6   O OG  . SER A 1 5  ? -2.269  9.928   -18.145 1.00 20.32 ? 585 SER A OG  1 
ATOM   7   N N   . ASN A 1 6  ? 1.026   9.865   -15.831 1.00 13.04 ? 586 ASN A N   1 
ATOM   8   C CA  . ASN A 1 6  ? 2.097   8.970   -15.382 1.00 9.54  ? 586 ASN A CA  1 
ATOM   9   C C   . ASN A 1 6  ? 3.202   9.639   -14.570 1.00 7.41  ? 586 ASN A C   1 
ATOM   10  O O   . ASN A 1 6  ? 4.233   9.036   -14.312 1.00 5.36  ? 586 ASN A O   1 
ATOM   11  C CB  . ASN A 1 6  ? 2.676   8.216   -16.581 1.00 10.68 ? 586 ASN A CB  1 
ATOM   12  C CG  . ASN A 1 6  ? 1.648   7.258   -17.195 1.00 11.59 ? 586 ASN A CG  1 
ATOM   13  O OD1 . ASN A 1 6  ? 1.442   7.252   -18.392 1.00 17.17 ? 586 ASN A OD1 1 
ATOM   14  N ND2 . ASN A 1 6  ? 0.988   6.497   -16.363 1.00 13.77 ? 586 ASN A ND2 1 
ATOM   15  N N   . THR A 1 7  ? 2.947   10.859  -14.105 1.00 5.13  ? 587 THR A N   1 
ATOM   16  C CA  . THR A 1 7  ? 3.919   11.544  -13.266 1.00 5.38  ? 587 THR A CA  1 
ATOM   17  C C   . THR A 1 7  ? 3.952   10.802  -11.897 1.00 3.77  ? 587 THR A C   1 
ATOM   18  O O   . THR A 1 7  ? 3.015   10.042  -11.564 1.00 4.99  ? 587 THR A O   1 
ATOM   19  C CB  . THR A 1 7  ? 3.470   12.978  -12.977 1.00 4.32  ? 587 THR A CB  1 
ATOM   20  O OG1 . THR A 1 7  ? 2.109   12.966  -12.508 1.00 4.82  ? 587 THR A OG1 1 
ATOM   21  C CG2 . THR A 1 7  ? 3.495   13.793  -14.230 1.00 4.08  ? 587 THR A CG2 1 
ATOM   22  N N   . ILE A 1 8  ? 4.978   11.099  -11.082 1.00 3.31  ? 588 ILE A N   1 
ATOM   23  C CA  . ILE A 1 8  ? 4.926   10.667  -9.656  1.00 4.85  ? 588 ILE A CA  1 
ATOM   24  C C   . ILE A 1 8  ? 3.576   10.967  -9.025  1.00 3.48  ? 588 ILE A C   1 
ATOM   25  O O   . ILE A 1 8  ? 2.948   10.081  -8.400  1.00 2.69  ? 588 ILE A O   1 
ATOM   26  C CB  . ILE A 1 8  ? 6.039   11.299  -8.799  1.00 4.57  ? 588 ILE A CB  1 
ATOM   27  C CG1 . ILE A 1 8  ? 7.418   10.814  -9.281  1.00 6.44  ? 588 ILE A CG1 1 
ATOM   28  C CG2 . ILE A 1 8  ? 5.804   10.990  -7.302  1.00 5.85  ? 588 ILE A CG2 1 
ATOM   29  C CD1 . ILE A 1 8  ? 7.698   9.357   -9.065  1.00 10.04 ? 588 ILE A CD1 1 
ATOM   30  N N   . GLY A 1 9  ? 3.110   12.216  -9.178  1.00 4.14  ? 589 GLY A N   1 
ATOM   31  C CA  . GLY A 1 9  ? 1.896   12.603  -8.496  1.00 3.95  ? 589 GLY A CA  1 
ATOM   32  C C   . GLY A 1 9  ? 0.685   11.825  -8.944  1.00 3.65  ? 589 GLY A C   1 
ATOM   33  O O   . GLY A 1 9  ? -0.137  11.430  -8.125  1.00 2.82  ? 589 GLY A O   1 
ATOM   34  N N   . ALA A 1 10 ? 0.572   11.574  -10.252 1.00 2.00  ? 590 ALA A N   1 
ATOM   35  C CA  . ALA A 1 10 ? -0.578  10.771  -10.753 1.00 2.56  ? 590 ALA A CA  1 
ATOM   36  C C   . ALA A 1 10 ? -0.522  9.344   -10.274 1.00 2.66  ? 590 ALA A C   1 
ATOM   37  O O   . ALA A 1 10 ? -1.526  8.721   -9.884  1.00 2.93  ? 590 ALA A O   1 
ATOM   38  C CB  . ALA A 1 10 ? -0.578  10.833  -12.316 1.00 3.42  ? 590 ALA A CB  1 
ATOM   39  N N   . ARG A 1 11 ? 0.664   8.792   -10.269 1.00 2.00  ? 591 ARG A N   1 
ATOM   40  C CA  . ARG A 1 11 ? 0.774   7.384   -9.892  1.00 3.22  ? 591 ARG A CA  1 
ATOM   41  C C   . ARG A 1 11 ? 0.552   7.233   -8.390  1.00 2.20  ? 591 ARG A C   1 
ATOM   42  O O   . ARG A 1 11 ? -0.026  6.239   -7.917  1.00 3.87  ? 591 ARG A O   1 
ATOM   43  C CB  . ARG A 1 11 ? 2.202   6.920   -10.272 1.00 2.56  ? 591 ARG A CB  1 
ATOM   44  C CG  . ARG A 1 11 ? 2.402   6.606   -11.767 1.00 3.43  ? 591 ARG A CG  1 
ATOM   45  C CD  . ARG A 1 11 ? 3.904   6.428   -12.072 1.00 5.53  ? 591 ARG A CD  1 
ATOM   46  N NE  . ARG A 1 11 ? 4.424   5.257   -11.333 1.00 3.48  ? 591 ARG A NE  1 
ATOM   47  C CZ  . ARG A 1 11 ? 5.723   5.062   -11.138 1.00 2.00  ? 591 ARG A CZ  1 
ATOM   48  N NH1 . ARG A 1 11 ? 6.586   5.950   -11.607 1.00 2.16  ? 591 ARG A NH1 1 
ATOM   49  N NH2 . ARG A 1 11 ? 6.141   3.997   -10.450 1.00 4.30  ? 591 ARG A NH2 1 
ATOM   50  N N   . LEU A 1 12 ? 0.972   8.243   -7.636  1.00 3.07  ? 592 LEU A N   1 
ATOM   51  C CA  . LEU A 1 12 ? 0.735   8.311   -6.203  1.00 2.00  ? 592 LEU A CA  1 
ATOM   52  C C   . LEU A 1 12 ? -0.763  8.298   -5.923  1.00 2.00  ? 592 LEU A C   1 
ATOM   53  O O   . LEU A 1 12 ? -1.197  7.602   -5.009  1.00 2.54  ? 592 LEU A O   1 
ATOM   54  C CB  . LEU A 1 12 ? 1.425   9.565   -5.635  1.00 2.66  ? 592 LEU A CB  1 
ATOM   55  C CG  . LEU A 1 12 ? 1.278   9.741   -4.127  1.00 3.06  ? 592 LEU A CG  1 
ATOM   56  C CD1 . LEU A 1 12 ? 1.781   8.507   -3.367  1.00 5.29  ? 592 LEU A CD1 1 
ATOM   57  C CD2 . LEU A 1 12 ? 2.105   10.949  -3.794  1.00 3.16  ? 592 LEU A CD2 1 
ATOM   58  N N   . ASN A 1 13 ? -1.549  9.030   -6.701  1.00 2.22  ? 593 ASN A N   1 
ATOM   59  C CA  . ASN A 1 13 ? -3.007  9.008   -6.497  1.00 3.92  ? 593 ASN A CA  1 
ATOM   60  C C   . ASN A 1 13 ? -3.541  7.606   -6.567  1.00 3.77  ? 593 ASN A C   1 
ATOM   61  O O   . ASN A 1 13 ? -4.383  7.152   -5.739  1.00 5.03  ? 593 ASN A O   1 
ATOM   62  C CB  . ASN A 1 13 ? -3.712  9.775   -7.585  1.00 3.50  ? 593 ASN A CB  1 
ATOM   63  C CG  . ASN A 1 13 ? -3.563  11.268  -7.451  1.00 6.39  ? 593 ASN A CG  1 
ATOM   64  O OD1 . ASN A 1 13 ? -3.355  11.789  -6.372  1.00 12.54 ? 593 ASN A OD1 1 
ATOM   65  N ND2 . ASN A 1 13 ? -3.694  11.972  -8.572  1.00 7.66  ? 593 ASN A ND2 1 
ATOM   66  N N   . ARG A 1 14 ? -3.080  6.883   -7.576  1.00 3.83  ? 594 ARG A N   1 
ATOM   67  C CA  . ARG A 1 14 ? -3.604  5.535   -7.751  1.00 5.01  ? 594 ARG A CA  1 
ATOM   68  C C   . ARG A 1 14 ? -3.145  4.611   -6.631  1.00 4.60  ? 594 ARG A C   1 
ATOM   69  O O   . ARG A 1 14 ? -3.877  3.761   -6.191  1.00 3.38  ? 594 ARG A O   1 
ATOM   70  C CB  . ARG A 1 14 ? -3.238  4.970   -9.125  1.00 6.57  ? 594 ARG A CB  1 
ATOM   71  C CG  . ARG A 1 14 ? -3.662  5.840   -10.295 1.00 10.66 ? 594 ARG A CG  1 
ATOM   72  C CD  . ARG A 1 14 ? -3.533  5.153   -11.692 1.00 12.91 ? 594 ARG A CD  1 
ATOM   73  N NE  . ARG A 1 14 ? -2.184  5.174   -12.219 1.00 14.74 ? 594 ARG A NE  1 
ATOM   74  C CZ  . ARG A 1 14 ? -1.724  6.172   -12.947 1.00 15.76 ? 594 ARG A CZ  1 
ATOM   75  N NH1 . ARG A 1 14 ? -2.530  7.182   -13.243 1.00 15.55 ? 594 ARG A NH1 1 
ATOM   76  N NH2 . ARG A 1 14 ? -0.477  6.143   -13.400 1.00 18.94 ? 594 ARG A NH2 1 
ATOM   77  N N   . VAL A 1 15 ? -1.884  4.703   -6.255  1.00 3.39  ? 595 VAL A N   1 
ATOM   78  C CA  . VAL A 1 15 ? -1.454  3.789   -5.182  1.00 4.66  ? 595 VAL A CA  1 
ATOM   79  C C   . VAL A 1 15 ? -2.153  4.134   -3.849  1.00 4.22  ? 595 VAL A C   1 
ATOM   80  O O   . VAL A 1 15 ? -2.539  3.218   -3.101  1.00 6.20  ? 595 VAL A O   1 
ATOM   81  C CB  . VAL A 1 15 ? 0.101   3.626   -5.145  1.00 4.52  ? 595 VAL A CB  1 
ATOM   82  C CG1 . VAL A 1 15 ? 0.721   4.809   -4.576  1.00 7.66  ? 595 VAL A CG1 1 
ATOM   83  C CG2 . VAL A 1 15 ? 0.466   2.298   -4.393  1.00 8.18  ? 595 VAL A CG2 1 
ATOM   84  N N   . GLU A 1 16 ? -2.415  5.422   -3.597  1.00 3.57  ? 596 GLU A N   1 
ATOM   85  C CA  . GLU A 1 16 ? -3.179  5.838   -2.389  1.00 3.40  ? 596 GLU A CA  1 
ATOM   86  C C   . GLU A 1 16 ? -4.561  5.197   -2.365  1.00 4.75  ? 596 GLU A C   1 
ATOM   87  O O   . GLU A 1 16 ? -5.015  4.670   -1.337  1.00 3.20  ? 596 GLU A O   1 
ATOM   88  C CB  . GLU A 1 16 ? -3.317  7.334   -2.340  1.00 3.93  ? 596 GLU A CB  1 
ATOM   89  C CG  . GLU A 1 16 ? -2.087  8.005   -1.877  1.00 5.31  ? 596 GLU A CG  1 
ATOM   90  C CD  . GLU A 1 16 ? -2.274  9.522   -1.906  1.00 11.07 ? 596 GLU A CD  1 
ATOM   91  O OE1 . GLU A 1 16 ? -2.985  10.006  -2.809  1.00 11.98 ? 596 GLU A OE1 1 
ATOM   92  O OE2 . GLU A 1 16 ? -1.746  10.223  -1.020  1.00 13.21 ? 596 GLU A OE2 1 
ATOM   93  N N   . ASP A 1 17 ? -5.225  5.219   -3.502  1.00 4.03  ? 597 ASP A N   1 
ATOM   94  C CA  . ASP A 1 17 ? -6.562  4.583   -3.555  1.00 3.75  ? 597 ASP A CA  1 
ATOM   95  C C   . ASP A 1 17 ? -6.497  3.083   -3.330  1.00 4.07  ? 597 ASP A C   1 
ATOM   96  O O   . ASP A 1 17 ? -7.385  2.508   -2.675  1.00 4.70  ? 597 ASP A O   1 
ATOM   97  C CB  . ASP A 1 17 ? -7.267  4.902   -4.850  1.00 4.24  ? 597 ASP A CB  1 
ATOM   98  C CG  . ASP A 1 17 ? -7.734  6.358   -4.888  1.00 9.02  ? 597 ASP A CG  1 
ATOM   99  O OD1 . ASP A 1 17 ? -7.725  7.004   -3.815  1.00 16.08 ? 597 ASP A OD1 1 
ATOM   100 O OD2 . ASP A 1 17 ? -8.132  6.819   -5.950  1.00 14.03 ? 597 ASP A OD2 1 
ATOM   101 N N   . LYS A 1 18 ? -5.522  2.426   -3.922  1.00 3.72  ? 598 LYS A N   1 
ATOM   102 C CA  . LYS A 1 18 ? -5.401  0.972   -3.749  1.00 4.73  ? 598 LYS A CA  1 
ATOM   103 C C   . LYS A 1 18 ? -5.096  0.645   -2.275  1.00 4.41  ? 598 LYS A C   1 
ATOM   104 O O   . LYS A 1 18 ? -5.585  -0.365  -1.703  1.00 4.03  ? 598 LYS A O   1 
ATOM   105 C CB  . LYS A 1 18 ? -4.261  0.458   -4.638  1.00 5.93  ? 598 LYS A CB  1 
ATOM   106 C CG  . LYS A 1 18 ? -4.063  -1.076  -4.566  1.00 9.07  ? 598 LYS A CG  1 
ATOM   107 C CD  . LYS A 1 18 ? -5.401  -1.800  -4.688  1.00 15.46 ? 598 LYS A CD  1 
ATOM   108 C CE  . LYS A 1 18 ? -5.228  -3.194  -5.167  1.00 15.54 ? 598 LYS A CE  1 
ATOM   109 N NZ  . LYS A 1 18 ? -6.480  -3.565  -5.827  1.00 17.15 ? 598 LYS A NZ  1 
ATOM   110 N N   . VAL A 1 19 ? -4.197  1.425   -1.662  1.00 3.69  ? 599 VAL A N   1 
ATOM   111 C CA  . VAL A 1 19 ? -3.906  1.240   -0.215  1.00 5.04  ? 599 VAL A CA  1 
ATOM   112 C C   . VAL A 1 19 ? -5.165  1.383   0.646   1.00 5.86  ? 599 VAL A C   1 
ATOM   113 O O   . VAL A 1 19 ? -5.395  0.598   1.558   1.00 6.83  ? 599 VAL A O   1 
ATOM   114 C CB  . VAL A 1 19 ? -2.793  2.177   0.247   1.00 5.32  ? 599 VAL A CB  1 
ATOM   115 C CG1 . VAL A 1 19 ? -2.660  2.163   1.792   1.00 5.46  ? 599 VAL A CG1 1 
ATOM   116 C CG2 . VAL A 1 19 ? -1.539  1.675   -0.372  1.00 4.90  ? 599 VAL A CG2 1 
ATOM   117 N N   . THR A 1 20 ? -5.962  2.412   0.370   1.00 6.34  ? 600 THR A N   1 
ATOM   118 C CA  . THR A 1 20 ? -7.230  2.538   1.094   1.00 7.65  ? 600 THR A CA  1 
ATOM   119 C C   . THR A 1 20 ? -8.099  1.301   0.973   1.00 8.17  ? 600 THR A C   1 
ATOM   120 O O   . THR A 1 20 ? -8.734  0.877   1.955   1.00 7.92  ? 600 THR A O   1 
ATOM   121 C CB  . THR A 1 20 ? -7.993  3.728   0.572   1.00 7.38  ? 600 THR A CB  1 
ATOM   122 O OG1 . THR A 1 20 ? -7.261  4.938   0.873   1.00 8.83  ? 600 THR A OG1 1 
ATOM   123 C CG2 . THR A 1 20 ? -9.352  3.740   1.218   1.00 7.79  ? 600 THR A CG2 1 
ATOM   124 N N   . GLN A 1 21 ? -8.136  0.719   -0.218  1.00 8.51  ? 601 GLN A N   1 
ATOM   125 C CA  . GLN A 1 21 ? -8.956  -0.489  -0.507  1.00 9.46  ? 601 GLN A CA  1 
ATOM   126 C C   . GLN A 1 21 ? -8.420  -1.721  0.230   1.00 7.87  ? 601 GLN A C   1 
ATOM   127 O O   . GLN A 1 21 ? -9.191  -2.524  0.821   1.00 8.80  ? 601 GLN A O   1 
ATOM   128 C CB  . GLN A 1 21 ? -9.013  -0.704  -2.022  1.00 9.19  ? 601 GLN A CB  1 
ATOM   129 C CG  . GLN A 1 21 ? -9.966  0.314   -2.719  1.00 15.12 ? 601 GLN A CG  1 
ATOM   130 C CD  . GLN A 1 21 ? -9.507  0.811   -4.093  1.00 19.51 ? 601 GLN A CD  1 
ATOM   131 O OE1 . GLN A 1 21 ? -8.846  0.098   -4.858  1.00 21.59 ? 601 GLN A OE1 1 
ATOM   132 N NE2 . GLN A 1 21 ? -9.870  2.053   -4.415  1.00 22.31 ? 601 GLN A NE2 1 
ATOM   133 N N   . LEU A 1 22 ? -7.106  -1.859  0.217   1.00 7.46  ? 602 LEU A N   1 
ATOM   134 C CA  . LEU A 1 22 ? -6.426  -2.949  0.940   1.00 7.79  ? 602 LEU A CA  1 
ATOM   135 C C   . LEU A 1 22 ? -6.617  -2.816  2.433   1.00 7.61  ? 602 LEU A C   1 
ATOM   136 O O   . LEU A 1 22 ? -6.829  -3.806  3.132   1.00 7.37  ? 602 LEU A O   1 
ATOM   137 C CB  . LEU A 1 22 ? -4.924  -2.892  0.629   1.00 7.20  ? 602 LEU A CB  1 
ATOM   138 C CG  . LEU A 1 22 ? -4.628  -3.278  -0.816  1.00 9.82  ? 602 LEU A CG  1 
ATOM   139 C CD1 . LEU A 1 22 ? -3.098  -3.351  -0.985  1.00 11.96 ? 602 LEU A CD1 1 
ATOM   140 C CD2 . LEU A 1 22 ? -5.345  -4.546  -1.254  1.00 12.77 ? 602 LEU A CD2 1 
ATOM   141 N N   . ASP A 1 23 ? -6.605  -1.597  2.944   1.00 6.41  ? 603 ASP A N   1 
ATOM   142 C CA  . ASP A 1 23 ? -6.838  -1.398  4.380   1.00 7.12  ? 603 ASP A CA  1 
ATOM   143 C C   . ASP A 1 23 ? -8.238  -1.895  4.714   1.00 6.61  ? 603 ASP A C   1 
ATOM   144 O O   . ASP A 1 23 ? -8.460  -2.600  5.724   1.00 8.57  ? 603 ASP A O   1 
ATOM   145 C CB  . ASP A 1 23 ? -6.706  0.084   4.685   1.00 7.88  ? 603 ASP A CB  1 
ATOM   146 C CG  . ASP A 1 23 ? -6.862  0.424   6.157   1.00 12.14 ? 603 ASP A CG  1 
ATOM   147 O OD1 . ASP A 1 23 ? -6.304  -0.262  7.053   1.00 16.55 ? 603 ASP A OD1 1 
ATOM   148 O OD2 . ASP A 1 23 ? -7.526  1.453   6.414   1.00 21.26 ? 603 ASP A OD2 1 
ATOM   149 N N   . GLN A 1 24 ? -9.192  -1.605  3.852   1.00 5.62  ? 604 GLN A N   1 
ATOM   150 C CA  . GLN A 1 24 ? -10.549 -2.134  4.132   1.00 7.45  ? 604 GLN A CA  1 
ATOM   151 C C   . GLN A 1 24 ? -10.606 -3.653  4.072   1.00 8.32  ? 604 GLN A C   1 
ATOM   152 O O   . GLN A 1 24 ? -11.345 -4.320  4.860   1.00 8.08  ? 604 GLN A O   1 
ATOM   153 C CB  . GLN A 1 24 ? -11.541 -1.535  3.169   1.00 7.60  ? 604 GLN A CB  1 
ATOM   154 C CG  . GLN A 1 24 ? -11.764 -0.078  3.388   1.00 10.32 ? 604 GLN A CG  1 
ATOM   155 C CD  . GLN A 1 24 ? -12.776 0.386   2.428   1.00 12.24 ? 604 GLN A CD  1 
ATOM   156 O OE1 . GLN A 1 24 ? -12.661 0.095   1.226   1.00 14.48 ? 604 GLN A OE1 1 
ATOM   157 N NE2 . GLN A 1 24 ? -13.802 1.069   2.921   1.00 12.63 ? 604 GLN A NE2 1 
ATOM   158 N N   . ARG A 1 25 ? -9.872  -4.271  3.155   1.00 8.76  ? 605 ARG A N   1 
ATOM   159 C CA  . ARG A 1 25 ? -9.978  -5.744  3.056   1.00 10.67 ? 605 ARG A CA  1 
ATOM   160 C C   . ARG A 1 25 ? -9.386  -6.306  4.344   1.00 9.48  ? 605 ARG A C   1 
ATOM   161 O O   . ARG A 1 25 ? -9.899  -7.249  4.958   1.00 8.92  ? 605 ARG A O   1 
ATOM   162 C CB  . ARG A 1 25 ? -9.164  -6.289  1.877   1.00 12.16 ? 605 ARG A CB  1 
ATOM   163 C CG  . ARG A 1 25 ? -9.700  -6.026  0.495   1.00 17.82 ? 605 ARG A CG  1 
ATOM   164 C CD  . ARG A 1 25 ? -8.951  -6.949  -0.531  1.00 22.83 ? 605 ARG A CD  1 
ATOM   165 N NE  . ARG A 1 25 ? -8.845  -6.314  -1.833  1.00 25.59 ? 605 ARG A NE  1 
ATOM   166 C CZ  . ARG A 1 25 ? -7.888  -6.553  -2.727  1.00 24.95 ? 605 ARG A CZ  1 
ATOM   167 N NH1 . ARG A 1 25 ? -6.932  -7.443  -2.484  1.00 21.59 ? 605 ARG A NH1 1 
ATOM   168 N NH2 . ARG A 1 25 ? -7.898  -5.901  -3.882  1.00 27.26 ? 605 ARG A NH2 1 
ATOM   169 N N   . LEU A 1 26 ? -8.259  -5.723  4.747   1.00 8.68  ? 606 LEU A N   1 
ATOM   170 C CA  . LEU A 1 26 ? -7.563  -6.241  5.916   1.00 8.16  ? 606 LEU A CA  1 
ATOM   171 C C   . LEU A 1 26 ? -8.462  -6.135  7.148   1.00 7.67  ? 606 LEU A C   1 
ATOM   172 O O   . LEU A 1 26 ? -8.402  -6.984  8.025   1.00 6.61  ? 606 LEU A O   1 
ATOM   173 C CB  . LEU A 1 26 ? -6.277  -5.455  6.132   1.00 9.02  ? 606 LEU A CB  1 
ATOM   174 C CG  . LEU A 1 26 ? -5.186  -6.049  7.015   1.00 10.50 ? 606 LEU A CG  1 
ATOM   175 C CD1 . LEU A 1 26 ? -4.771  -7.495  6.676   1.00 11.58 ? 606 LEU A CD1 1 
ATOM   176 C CD2 . LEU A 1 26 ? -3.991  -5.140  6.939   1.00 9.08  ? 606 LEU A CD2 1 
ATOM   177 N N   . ALA A 1 27 ? -9.311  -5.113  7.210   1.00 6.28  ? 607 ALA A N   1 
ATOM   178 C CA  . ALA A 1 27 ? -10.272 -5.026  8.324   1.00 5.86  ? 607 ALA A CA  1 
ATOM   179 C C   . ALA A 1 27 ? -11.233 -6.200  8.412   1.00 5.52  ? 607 ALA A C   1 
ATOM   180 O O   . ALA A 1 27 ? -11.855 -6.462  9.472   1.00 5.48  ? 607 ALA A O   1 
ATOM   181 C CB  . ALA A 1 27 ? -11.061 -3.715  8.193   1.00 7.74  ? 607 ALA A CB  1 
ATOM   182 N N   . LEU A 1 28 ? -11.405 -6.897  7.309   1.00 4.09  ? 608 LEU A N   1 
ATOM   183 C CA  . LEU A 1 28 ? -12.309 -8.029  7.341   1.00 3.99  ? 608 LEU A CA  1 
ATOM   184 C C   . LEU A 1 28 ? -11.578 -9.246  7.847   1.00 2.82  ? 608 LEU A C   1 
ATOM   185 O O   . LEU A 1 28 ? -12.234 -10.293 8.145   1.00 3.78  ? 608 LEU A O   1 
ATOM   186 C CB  . LEU A 1 28 ? -12.833 -8.301  5.940   1.00 4.79  ? 608 LEU A CB  1 
ATOM   187 C CG  . LEU A 1 28 ? -13.668 -7.171  5.326   1.00 7.94  ? 608 LEU A CG  1 
ATOM   188 C CD1 . LEU A 1 28 ? -14.280 -7.628  4.012   1.00 11.74 ? 608 LEU A CD1 1 
ATOM   189 C CD2 . LEU A 1 28 ? -14.750 -6.826  6.269   1.00 8.12  ? 608 LEU A CD2 1 
ATOM   190 N N   . ILE A 1 29 ? -10.248 -9.127  7.882   1.00 3.66  ? 609 ILE A N   1 
ATOM   191 C CA  . ILE A 1 29 ? -9.354  -10.255 8.228   1.00 5.10  ? 609 ILE A CA  1 
ATOM   192 C C   . ILE A 1 29 ? -8.874  -10.219 9.672   1.00 5.20  ? 609 ILE A C   1 
ATOM   193 O O   . ILE A 1 29 ? -8.836  -11.267 10.354  1.00 4.46  ? 609 ILE A O   1 
ATOM   194 C CB  . ILE A 1 29 ? -8.114  -10.364 7.235   1.00 5.60  ? 609 ILE A CB  1 
ATOM   195 C CG1 . ILE A 1 29 ? -8.620  -10.677 5.838   1.00 4.68  ? 609 ILE A CG1 1 
ATOM   196 C CG2 . ILE A 1 29 ? -7.154  -11.520 7.708   1.00 5.79  ? 609 ILE A CG2 1 
ATOM   197 C CD1 . ILE A 1 29 ? -7.680  -10.308 4.744   1.00 7.39  ? 609 ILE A CD1 1 
ATOM   198 N N   . THR A 1 30 ? -8.491  -9.033  10.153  1.00 7.32  ? 610 THR A N   1 
ATOM   199 C CA  . THR A 1 30 ? -7.996  -8.867  11.502  1.00 10.43 ? 610 THR A CA  1 
ATOM   200 C C   . THR A 1 30 ? -8.040  -7.431  12.018  1.00 13.14 ? 610 THR A C   1 
ATOM   201 O O   . THR A 1 30 ? -8.188  -6.514  11.228  1.00 11.53 ? 610 THR A O   1 
ATOM   202 C CB  . THR A 1 30 ? -6.539  -9.285  11.557  1.00 10.50 ? 610 THR A CB  1 
ATOM   203 O OG1 . THR A 1 30 ? -6.187  -9.554  12.921  1.00 12.23 ? 610 THR A OG1 1 
ATOM   204 C CG2 . THR A 1 30 ? -5.637  -8.213  10.903  1.00 10.44 ? 610 THR A CG2 1 
ATOM   205 N N   . ASP A 1 31 ? -7.865  -7.281  13.341  1.00 16.23 ? 611 ASP A N   1 
ATOM   206 C CA  . ASP A 1 31 ? -7.714  -5.983  14.042  1.00 18.46 ? 611 ASP A CA  1 
ATOM   207 C C   . ASP A 1 31 ? -6.354  -5.275  13.809  1.00 20.15 ? 611 ASP A C   1 
ATOM   208 O O   . ASP A 1 31 ? -5.703  -5.353  12.764  1.00 20.22 ? 611 ASP A O   1 
ATOM   209 C CB  . ASP A 1 31 ? -7.950  -6.174  15.558  1.00 19.32 ? 611 ASP A CB  1 
ATOM   210 C CG  . ASP A 1 31 ? -8.427  -4.891  16.249  1.00 19.14 ? 611 ASP A CG  1 
ATOM   211 O OD1 . ASP A 1 31 ? -8.929  -4.032  15.479  1.00 23.64 ? 611 ASP A OD1 1 
ATOM   212 O OD2 . ASP A 1 31 ? -8.295  -4.728  17.528  1.00 15.02 ? 611 ASP A OD2 1 
ATOM   213 O OXT . ASP A 1 31 ? -5.833  -4.556  14.673  1.00 21.31 ? 611 ASP A OXT 1 
ATOM   214 N N   . ASN B 1 6  ? 16.433  6.519   -1.231  1.00 17.26 ? 586 ASN B N   1 
ATOM   215 C CA  . ASN B 1 6  ? 16.630  6.609   -2.703  1.00 16.64 ? 586 ASN B CA  1 
ATOM   216 C C   . ASN B 1 6  ? 15.853  7.781   -3.302  1.00 14.77 ? 586 ASN B C   1 
ATOM   217 O O   . ASN B 1 6  ? 15.393  8.661   -2.576  1.00 16.16 ? 586 ASN B O   1 
ATOM   218 C CB  . ASN B 1 6  ? 16.289  5.284   -3.393  1.00 17.94 ? 586 ASN B CB  1 
ATOM   219 C CG  . ASN B 1 6  ? 15.399  4.413   -2.566  1.00 22.09 ? 586 ASN B CG  1 
ATOM   220 O OD1 . ASN B 1 6  ? 14.435  4.886   -1.976  1.00 27.44 ? 586 ASN B OD1 1 
ATOM   221 N ND2 . ASN B 1 6  ? 15.706  3.116   -2.513  1.00 25.38 ? 586 ASN B ND2 1 
ATOM   222 N N   . THR B 1 7  ? 15.734  7.793   -4.613  1.00 12.13 ? 587 THR B N   1 
ATOM   223 C CA  . THR B 1 7  ? 15.097  8.891   -5.311  1.00 9.79  ? 587 THR B CA  1 
ATOM   224 C C   . THR B 1 7  ? 13.594  8.752   -5.127  1.00 8.76  ? 587 THR B C   1 
ATOM   225 O O   . THR B 1 7  ? 13.092  7.693   -4.769  1.00 9.02  ? 587 THR B O   1 
ATOM   226 C CB  . THR B 1 7  ? 15.373  8.850   -6.810  1.00 10.59 ? 587 THR B CB  1 
ATOM   227 O OG1 . THR B 1 7  ? 14.898  7.629   -7.402  1.00 8.86  ? 587 THR B OG1 1 
ATOM   228 C CG2 . THR B 1 7  ? 16.903  8.986   -7.087  1.00 11.20 ? 587 THR B CG2 1 
ATOM   229 N N   . ILE B 1 8  ? 12.874  9.809   -5.446  1.00 8.08  ? 588 ILE B N   1 
ATOM   230 C CA  . ILE B 1 8  ? 11.413  9.729   -5.338  1.00 5.99  ? 588 ILE B CA  1 
ATOM   231 C C   . ILE B 1 8  ? 10.831  8.692   -6.285  1.00 6.96  ? 588 ILE B C   1 
ATOM   232 O O   . ILE B 1 8  ? 9.899   7.951   -5.902  1.00 5.88  ? 588 ILE B O   1 
ATOM   233 C CB  . ILE B 1 8  ? 10.773  11.142  -5.528  1.00 5.80  ? 588 ILE B CB  1 
ATOM   234 C CG1 . ILE B 1 8  ? 9.271   11.121  -5.369  1.00 8.71  ? 588 ILE B CG1 1 
ATOM   235 C CG2 . ILE B 1 8  ? 11.118  11.665  -6.879  1.00 7.77  ? 588 ILE B CG2 1 
ATOM   236 C CD1 . ILE B 1 8  ? 8.698   12.487  -5.002  1.00 9.41  ? 588 ILE B CD1 1 
ATOM   237 N N   . GLY B 1 9  ? 11.398  8.582   -7.490  1.00 6.96  ? 589 GLY B N   1 
ATOM   238 C CA  . GLY B 1 9  ? 10.916  7.560   -8.437  1.00 5.72  ? 589 GLY B CA  1 
ATOM   239 C C   . GLY B 1 9  ? 11.139  6.170   -7.925  1.00 6.01  ? 589 GLY B C   1 
ATOM   240 O O   . GLY B 1 9  ? 10.210  5.312   -7.959  1.00 5.98  ? 589 GLY B O   1 
ATOM   241 N N   . ALA B 1 10 ? 12.331  5.920   -7.389  1.00 5.81  ? 590 ALA B N   1 
ATOM   242 C CA  . ALA B 1 10 ? 12.592  4.575   -6.853  1.00 5.80  ? 590 ALA B CA  1 
ATOM   243 C C   . ALA B 1 10 ? 11.657  4.240   -5.695  1.00 4.96  ? 590 ALA B C   1 
ATOM   244 O O   . ALA B 1 10 ? 11.199  3.101   -5.570  1.00 7.93  ? 590 ALA B O   1 
ATOM   245 C CB  . ALA B 1 10 ? 14.005  4.452   -6.374  1.00 5.88  ? 590 ALA B CB  1 
ATOM   246 N N   . ARG B 1 11 ? 11.393  5.231   -4.828  1.00 4.12  ? 591 ARG B N   1 
ATOM   247 C CA  . ARG B 1 11 ? 10.533  4.992   -3.673  1.00 3.40  ? 591 ARG B CA  1 
ATOM   248 C C   . ARG B 1 11 ? 9.160   4.662   -4.138  1.00 2.66  ? 591 ARG B C   1 
ATOM   249 O O   . ARG B 1 11 ? 8.474   3.820   -3.535  1.00 4.04  ? 591 ARG B O   1 
ATOM   250 C CB  . ARG B 1 11 ? 10.488  6.277   -2.818  1.00 2.74  ? 591 ARG B CB  1 
ATOM   251 C CG  . ARG B 1 11 ? 11.794  6.385   -1.994  1.00 2.00  ? 591 ARG B CG  1 
ATOM   252 C CD  . ARG B 1 11 ? 11.907  7.735   -1.303  1.00 5.81  ? 591 ARG B CD  1 
ATOM   253 N NE  . ARG B 1 11 ? 10.818  7.909   -0.346  1.00 5.40  ? 591 ARG B NE  1 
ATOM   254 C CZ  . ARG B 1 11 ? 10.488  9.085   0.191   1.00 3.34  ? 591 ARG B CZ  1 
ATOM   255 N NH1 . ARG B 1 11 ? 11.102  10.210  -0.181  1.00 5.25  ? 591 ARG B NH1 1 
ATOM   256 N NH2 . ARG B 1 11 ? 9.504   9.180   1.054   1.00 3.89  ? 591 ARG B NH2 1 
ATOM   257 N N   . LEU B 1 12 ? 8.715   5.361   -5.173  1.00 2.79  ? 592 LEU B N   1 
ATOM   258 C CA  . LEU B 1 12 ? 7.329   5.082   -5.664  1.00 3.95  ? 592 LEU B CA  1 
ATOM   259 C C   . LEU B 1 12 ? 7.276   3.690   -6.297  1.00 3.07  ? 592 LEU B C   1 
ATOM   260 O O   . LEU B 1 12 ? 6.321   2.928   -6.007  1.00 4.66  ? 592 LEU B O   1 
ATOM   261 C CB  . LEU B 1 12 ? 6.910   6.145   -6.690  1.00 3.44  ? 592 LEU B CB  1 
ATOM   262 C CG  . LEU B 1 12 ? 5.511   5.863   -7.241  1.00 7.19  ? 592 LEU B CG  1 
ATOM   263 C CD1 . LEU B 1 12 ? 4.437   5.751   -6.182  1.00 6.18  ? 592 LEU B CD1 1 
ATOM   264 C CD2 . LEU B 1 12 ? 5.232   7.011   -8.192  1.00 5.72  ? 592 LEU B CD2 1 
ATOM   265 N N   . ASN B 1 13 ? 8.284   3.335   -7.121  1.00 3.80  ? 593 ASN B N   1 
ATOM   266 C CA  . ASN B 1 13 ? 8.341   1.987   -7.722  1.00 4.91  ? 593 ASN B CA  1 
ATOM   267 C C   . ASN B 1 13 ? 8.258   0.948   -6.600  1.00 5.64  ? 593 ASN B C   1 
ATOM   268 O O   . ASN B 1 13 ? 7.510   -0.027  -6.712  1.00 5.88  ? 593 ASN B O   1 
ATOM   269 C CB  . ASN B 1 13 ? 9.605   1.777   -8.570  1.00 6.56  ? 593 ASN B CB  1 
ATOM   270 C CG  . ASN B 1 13 ? 9.711   2.786   -9.720  1.00 6.91  ? 593 ASN B CG  1 
ATOM   271 O OD1 . ASN B 1 13 ? 8.712   3.302   -10.175 1.00 8.23  ? 593 ASN B OD1 1 
ATOM   272 N ND2 . ASN B 1 13 ? 10.933  3.094   -10.147 1.00 8.81  ? 593 ASN B ND2 1 
ATOM   273 N N   . ARG B 1 14 ? 9.002   1.169   -5.509  1.00 4.89  ? 594 ARG B N   1 
ATOM   274 C CA  . ARG B 1 14 ? 9.065   0.171   -4.424  1.00 5.04  ? 594 ARG B CA  1 
ATOM   275 C C   . ARG B 1 14 ? 7.711   0.053   -3.770  1.00 4.88  ? 594 ARG B C   1 
ATOM   276 O O   . ARG B 1 14 ? 7.272   -1.060  -3.453  1.00 4.66  ? 594 ARG B O   1 
ATOM   277 C CB  . ARG B 1 14 ? 10.103  0.566   -3.364  1.00 5.66  ? 594 ARG B CB  1 
ATOM   278 C CG  . ARG B 1 14 ? 10.270  -0.437  -2.191  1.00 9.51  ? 594 ARG B CG  1 
ATOM   279 C CD  . ARG B 1 14 ? 11.388  0.050   -1.253  1.00 16.88 ? 594 ARG B CD  1 
ATOM   280 N NE  . ARG B 1 14 ? 12.307  0.943   -1.977  1.00 22.57 ? 594 ARG B NE  1 
ATOM   281 C CZ  . ARG B 1 14 ? 12.594  2.206   -1.647  1.00 25.03 ? 594 ARG B CZ  1 
ATOM   282 N NH1 . ARG B 1 14 ? 12.092  2.772   -0.545  1.00 25.10 ? 594 ARG B NH1 1 
ATOM   283 N NH2 . ARG B 1 14 ? 13.422  2.898   -2.416  1.00 24.80 ? 594 ARG B NH2 1 
ATOM   284 N N   . VAL B 1 15 ? 7.080   1.194   -3.477  1.00 4.24  ? 595 VAL B N   1 
ATOM   285 C CA  . VAL B 1 15 ? 5.772   1.109   -2.813  1.00 5.08  ? 595 VAL B CA  1 
ATOM   286 C C   . VAL B 1 15 ? 4.740   0.460   -3.694  1.00 4.93  ? 595 VAL B C   1 
ATOM   287 O O   . VAL B 1 15 ? 3.963   -0.391  -3.228  1.00 4.07  ? 595 VAL B O   1 
ATOM   288 C CB  . VAL B 1 15 ? 5.250   2.486   -2.223  1.00 4.60  ? 595 VAL B CB  1 
ATOM   289 C CG1 . VAL B 1 15 ? 4.910   3.401   -3.294  1.00 8.16  ? 595 VAL B CG1 1 
ATOM   290 C CG2 . VAL B 1 15 ? 3.998   2.161   -1.347  1.00 9.08  ? 595 VAL B CG2 1 
ATOM   291 N N   . GLU B 1 16 ? 4.713   0.839   -4.980  1.00 3.67  ? 596 GLU B N   1 
ATOM   292 C CA  . GLU B 1 16 ? 3.845   0.118   -5.943  1.00 4.42  ? 596 GLU B CA  1 
ATOM   293 C C   . GLU B 1 16 ? 4.081   -1.407  -5.873  1.00 4.97  ? 596 GLU B C   1 
ATOM   294 O O   . GLU B 1 16 ? 3.148   -2.226  -5.829  1.00 4.69  ? 596 GLU B O   1 
ATOM   295 C CB  . GLU B 1 16 ? 4.106   0.650   -7.348  1.00 3.84  ? 596 GLU B CB  1 
ATOM   296 C CG  . GLU B 1 16 ? 3.442   2.026   -7.539  1.00 3.60  ? 596 GLU B CG  1 
ATOM   297 C CD  . GLU B 1 16 ? 3.592   2.520   -8.962  1.00 6.26  ? 596 GLU B CD  1 
ATOM   298 O OE1 . GLU B 1 16 ? 4.342   1.878   -9.739  1.00 7.89  ? 596 GLU B OE1 1 
ATOM   299 O OE2 . GLU B 1 16 ? 2.956   3.551   -9.312  1.00 5.18  ? 596 GLU B OE2 1 
ATOM   300 N N   . ASP B 1 17 ? 5.348   -1.784  -5.861  1.00 4.07  ? 597 ASP B N   1 
ATOM   301 C CA  . ASP B 1 17 ? 5.701   -3.223  -5.850  1.00 4.71  ? 597 ASP B CA  1 
ATOM   302 C C   . ASP B 1 17 ? 5.107   -3.905  -4.623  1.00 4.65  ? 597 ASP B C   1 
ATOM   303 O O   . ASP B 1 17 ? 4.543   -5.028  -4.722  1.00 4.24  ? 597 ASP B O   1 
ATOM   304 C CB  . ASP B 1 17 ? 7.230   -3.393  -5.884  1.00 5.26  ? 597 ASP B CB  1 
ATOM   305 C CG  . ASP B 1 17 ? 7.833   -3.122  -7.288  1.00 10.01 ? 597 ASP B CG  1 
ATOM   306 O OD1 . ASP B 1 17 ? 7.114   -2.646  -8.203  1.00 8.36  ? 597 ASP B OD1 1 
ATOM   307 O OD2 . ASP B 1 17 ? 9.063   -3.307  -7.468  1.00 15.67 ? 597 ASP B OD2 1 
ATOM   308 N N   . LYS B 1 18 ? 5.207   -3.226  -3.475  1.00 4.36  ? 598 LYS B N   1 
ATOM   309 C CA  . LYS B 1 18 ? 4.784   -3.792  -2.187  1.00 4.02  ? 598 LYS B CA  1 
ATOM   310 C C   . LYS B 1 18 ? 3.271   -3.908  -2.192  1.00 4.09  ? 598 LYS B C   1 
ATOM   311 O O   . LYS B 1 18 ? 2.679   -4.903  -1.694  1.00 5.44  ? 598 LYS B O   1 
ATOM   312 C CB  . LYS B 1 18 ? 5.241   -2.886  -1.048  1.00 5.54  ? 598 LYS B CB  1 
ATOM   313 C CG  . LYS B 1 18 ? 6.718   -2.999  -0.709  1.00 8.77  ? 598 LYS B CG  1 
ATOM   314 C CD  . LYS B 1 18 ? 7.144   -1.982  0.392   1.00 14.83 ? 598 LYS B CD  1 
ATOM   315 C CE  . LYS B 1 18 ? 8.681   -1.981  0.620   1.00 18.87 ? 598 LYS B CE  1 
ATOM   316 N NZ  . LYS B 1 18 ? 9.254   -0.825  1.429   1.00 22.07 ? 598 LYS B NZ  1 
ATOM   317 N N   . VAL B 1 19 ? 2.620   -2.920  -2.777  1.00 2.64  ? 599 VAL B N   1 
ATOM   318 C CA  . VAL B 1 19 ? 1.148   -2.922  -2.853  1.00 3.06  ? 599 VAL B CA  1 
ATOM   319 C C   . VAL B 1 19 ? 0.598   -4.063  -3.715  1.00 4.29  ? 599 VAL B C   1 
ATOM   320 O O   . VAL B 1 19 ? -0.378  -4.818  -3.323  1.00 5.02  ? 599 VAL B O   1 
ATOM   321 C CB  . VAL B 1 19 ? 0.626   -1.565  -3.352  1.00 3.25  ? 599 VAL B CB  1 
ATOM   322 C CG1 . VAL B 1 19 ? -0.872  -1.688  -3.632  1.00 3.29  ? 599 VAL B CG1 1 
ATOM   323 C CG2 . VAL B 1 19 ? 0.917   -0.481  -2.270  1.00 2.96  ? 599 VAL B CG2 1 
ATOM   324 N N   . THR B 1 20 ? 1.226   -4.274  -4.870  1.00 3.65  ? 600 THR B N   1 
ATOM   325 C CA  . THR B 1 20 ? 0.880   -5.417  -5.753  1.00 4.07  ? 600 THR B CA  1 
ATOM   326 C C   . THR B 1 20 ? 0.976   -6.701  -4.949  1.00 3.56  ? 600 THR B C   1 
ATOM   327 O O   . THR B 1 20 ? 0.074   -7.555  -4.995  1.00 4.86  ? 600 THR B O   1 
ATOM   328 C CB  . THR B 1 20 ? 1.829   -5.457  -6.951  1.00 5.70  ? 600 THR B CB  1 
ATOM   329 O OG1 . THR B 1 20 ? 1.512   -4.357  -7.819  1.00 5.45  ? 600 THR B OG1 1 
ATOM   330 C CG2 . THR B 1 20 ? 1.651   -6.791  -7.736  1.00 4.96  ? 600 THR B CG2 1 
ATOM   331 N N   . GLN B 1 21 ? 2.095   -6.876  -4.272  1.00 4.30  ? 601 GLN B N   1 
ATOM   332 C CA  . GLN B 1 21 ? 2.267   -8.123  -3.489  1.00 6.16  ? 601 GLN B CA  1 
ATOM   333 C C   . GLN B 1 21 ? 1.176   -8.306  -2.409  1.00 5.57  ? 601 GLN B C   1 
ATOM   334 O O   . GLN B 1 21 ? 0.641   -9.414  -2.217  1.00 6.93  ? 601 GLN B O   1 
ATOM   335 C CB  . GLN B 1 21 ? 3.633   -8.091  -2.836  1.00 6.32  ? 601 GLN B CB  1 
ATOM   336 C CG  . GLN B 1 21 ? 3.916   -9.233  -1.926  1.00 12.18 ? 601 GLN B CG  1 
ATOM   337 C CD  . GLN B 1 21 ? 5.362   -9.252  -1.448  1.00 17.16 ? 601 GLN B CD  1 
ATOM   338 O OE1 . GLN B 1 21 ? 5.910   -8.231  -1.031  1.00 23.29 ? 601 GLN B OE1 1 
ATOM   339 N NE2 . GLN B 1 21 ? 5.988   -10.421 -1.517  1.00 20.47 ? 601 GLN B NE2 1 
ATOM   340 N N   . LEU B 1 22 ? 0.827   -7.223  -1.729  1.00 5.57  ? 602 LEU B N   1 
ATOM   341 C CA  . LEU B 1 22 ? -0.213  -7.312  -0.656  1.00 6.95  ? 602 LEU B CA  1 
ATOM   342 C C   . LEU B 1 22 ? -1.555  -7.577  -1.284  1.00 6.45  ? 602 LEU B C   1 
ATOM   343 O O   . LEU B 1 22 ? -2.379  -8.345  -0.723  1.00 6.53  ? 602 LEU B O   1 
ATOM   344 C CB  . LEU B 1 22 ? -0.308  -5.964  0.065   1.00 7.57  ? 602 LEU B CB  1 
ATOM   345 C CG  . LEU B 1 22 ? 0.654   -5.861  1.211   1.00 12.60 ? 602 LEU B CG  1 
ATOM   346 C CD1 . LEU B 1 22 ? 0.724   -4.400  1.599   1.00 14.83 ? 602 LEU B CD1 1 
ATOM   347 C CD2 . LEU B 1 22 ? 0.123   -6.756  2.366   1.00 11.85 ? 602 LEU B CD2 1 
ATOM   348 N N   . ASP B 1 23 ? -1.804  -6.905  -2.414  1.00 6.55  ? 603 ASP B N   1 
ATOM   349 C CA  . ASP B 1 23 ? -3.080  -7.049  -3.124  1.00 7.76  ? 603 ASP B CA  1 
ATOM   350 C C   . ASP B 1 23 ? -3.305  -8.523  -3.441  1.00 6.76  ? 603 ASP B C   1 
ATOM   351 O O   . ASP B 1 23 ? -4.397  -9.068  -3.202  1.00 8.20  ? 603 ASP B O   1 
ATOM   352 C CB  . ASP B 1 23 ? -3.030  -6.203  -4.401  1.00 8.33  ? 603 ASP B CB  1 
ATOM   353 C CG  . ASP B 1 23 ? -4.264  -6.285  -5.239  1.00 14.78 ? 603 ASP B CG  1 
ATOM   354 O OD1 . ASP B 1 23 ? -5.365  -6.503  -4.719  1.00 15.76 ? 603 ASP B OD1 1 
ATOM   355 O OD2 . ASP B 1 23 ? -4.115  -6.037  -6.464  1.00 24.19 ? 603 ASP B OD2 1 
ATOM   356 N N   . GLN B 1 24 ? -2.271  -9.167  -3.994  1.00 6.72  ? 604 GLN B N   1 
ATOM   357 C CA  . GLN B 1 24 ? -2.413  -10.577 -4.448  1.00 7.05  ? 604 GLN B CA  1 
ATOM   358 C C   . GLN B 1 24 ? -2.667  -11.474 -3.244  1.00 6.78  ? 604 GLN B C   1 
ATOM   359 O O   . GLN B 1 24 ? -3.496  -12.452 -3.306  1.00 6.66  ? 604 GLN B O   1 
ATOM   360 C CB  . GLN B 1 24 ? -1.158  -11.044 -5.195  1.00 8.20  ? 604 GLN B CB  1 
ATOM   361 C CG  . GLN B 1 24 ? -1.398  -12.398 -5.883  1.00 6.86  ? 604 GLN B CG  1 
ATOM   362 C CD  . GLN B 1 24 ? -1.004  -13.610 -5.045  1.00 10.43 ? 604 GLN B CD  1 
ATOM   363 O OE1 . GLN B 1 24 ? -0.245  -13.481 -4.094  1.00 8.09  ? 604 GLN B OE1 1 
ATOM   364 N NE2 . GLN B 1 24 ? -1.492  -14.814 -5.444  1.00 9.62  ? 604 GLN B NE2 1 
ATOM   365 N N   . ARG B 1 25 ? -1.986  -11.195 -2.137  1.00 6.09  ? 605 ARG B N   1 
ATOM   366 C CA  . ARG B 1 25 ? -2.156  -12.051 -0.935  1.00 7.03  ? 605 ARG B CA  1 
ATOM   367 C C   . ARG B 1 25 ? -3.545  -11.881 -0.375  1.00 6.58  ? 605 ARG B C   1 
ATOM   368 O O   . ARG B 1 25 ? -4.210  -12.850 0.037   1.00 6.47  ? 605 ARG B O   1 
ATOM   369 C CB  . ARG B 1 25 ? -1.151  -11.663 0.125   1.00 7.09  ? 605 ARG B CB  1 
ATOM   370 C CG  . ARG B 1 25 ? 0.270   -12.048 -0.263  1.00 10.99 ? 605 ARG B CG  1 
ATOM   371 C CD  . ARG B 1 25 ? 1.230   -11.765 0.866   1.00 14.82 ? 605 ARG B CD  1 
ATOM   372 N NE  . ARG B 1 25 ? 1.724   -10.398 0.746   1.00 20.96 ? 605 ARG B NE  1 
ATOM   373 C CZ  . ARG B 1 25 ? 2.380   -9.731  1.687   1.00 25.51 ? 605 ARG B CZ  1 
ATOM   374 N NH1 . ARG B 1 25 ? 2.617   -10.305 2.870   1.00 26.60 ? 605 ARG B NH1 1 
ATOM   375 N NH2 . ARG B 1 25 ? 2.796   -8.483  1.423   1.00 21.35 ? 605 ARG B NH2 1 
ATOM   376 N N   . LEU B 1 26 ? -4.005  -10.640 -0.327  1.00 6.75  ? 606 LEU B N   1 
ATOM   377 C CA  . LEU B 1 26 ? -5.299  -10.390 0.310   1.00 6.71  ? 606 LEU B CA  1 
ATOM   378 C C   . LEU B 1 26 ? -6.403  -10.922 -0.565  1.00 6.95  ? 606 LEU B C   1 
ATOM   379 O O   . LEU B 1 26 ? -7.440  -11.342 -0.032  1.00 6.85  ? 606 LEU B O   1 
ATOM   380 C CB  . LEU B 1 26 ? -5.515  -8.887  0.651   1.00 6.40  ? 606 LEU B CB  1 
ATOM   381 C CG  . LEU B 1 26 ? -4.580  -8.389  1.753   1.00 4.94  ? 606 LEU B CG  1 
ATOM   382 C CD1 . LEU B 1 26 ? -4.628  -6.840  1.831   1.00 11.44 ? 606 LEU B CD1 1 
ATOM   383 C CD2 . LEU B 1 26 ? -4.873  -9.035  3.107   1.00 8.97  ? 606 LEU B CD2 1 
ATOM   384 N N   . ALA B 1 27 ? -6.208  -10.888 -1.889  1.00 6.59  ? 607 ALA B N   1 
ATOM   385 C CA  . ALA B 1 27 ? -7.221  -11.367 -2.845  1.00 7.02  ? 607 ALA B CA  1 
ATOM   386 C C   . ALA B 1 27 ? -7.490  -12.854 -2.700  1.00 7.01  ? 607 ALA B C   1 
ATOM   387 O O   . ALA B 1 27 ? -8.602  -13.352 -2.993  1.00 9.56  ? 607 ALA B O   1 
ATOM   388 C CB  . ALA B 1 27 ? -6.820  -10.984 -4.288  1.00 7.95  ? 607 ALA B CB  1 
ATOM   389 N N   . LEU B 1 28 ? -6.515  -13.583 -2.160  1.00 5.16  ? 608 LEU B N   1 
ATOM   390 C CA  . LEU B 1 28 ? -6.755  -15.025 -1.929  1.00 4.42  ? 608 LEU B CA  1 
ATOM   391 C C   . LEU B 1 28 ? -7.679  -15.256 -0.730  1.00 4.78  ? 608 LEU B C   1 
ATOM   392 O O   . LEU B 1 28 ? -8.312  -16.339 -0.614  1.00 6.04  ? 608 LEU B O   1 
ATOM   393 C CB  . LEU B 1 28 ? -5.438  -15.715 -1.659  1.00 5.18  ? 608 LEU B CB  1 
ATOM   394 C CG  . LEU B 1 28 ? -4.416  -15.663 -2.815  1.00 9.10  ? 608 LEU B CG  1 
ATOM   395 C CD1 . LEU B 1 28 ? -3.096  -16.330 -2.357  1.00 10.24 ? 608 LEU B CD1 1 
ATOM   396 C CD2 . LEU B 1 28 ? -4.975  -16.339 -4.109  1.00 11.80 ? 608 LEU B CD2 1 
ATOM   397 N N   . ILE B 1 29 ? -7.711  -14.269 0.183   1.00 4.46  ? 609 ILE B N   1 
ATOM   398 C CA  . ILE B 1 29 ? -8.416  -14.346 1.480   1.00 5.02  ? 609 ILE B CA  1 
ATOM   399 C C   . ILE B 1 29 ? -9.848  -13.797 1.364   1.00 6.59  ? 609 ILE B C   1 
ATOM   400 O O   . ILE B 1 29 ? -10.799 -14.445 1.798   1.00 7.84  ? 609 ILE B O   1 
ATOM   401 C CB  . ILE B 1 29 ? -7.604  -13.665 2.588   1.00 5.48  ? 609 ILE B CB  1 
ATOM   402 C CG1 . ILE B 1 29 ? -6.189  -14.285 2.725   1.00 6.43  ? 609 ILE B CG1 1 
ATOM   403 C CG2 . ILE B 1 29 ? -8.324  -13.742 3.900   1.00 5.89  ? 609 ILE B CG2 1 
ATOM   404 C CD1 . ILE B 1 29 ? -5.262  -13.603 3.755   1.00 10.06 ? 609 ILE B CD1 1 
ATOM   405 N N   . THR B 1 30 ? -10.011 -12.604 0.776   1.00 7.37  ? 610 THR B N   1 
ATOM   406 C CA  . THR B 1 30 ? -11.346 -12.040 0.620   1.00 9.56  ? 610 THR B CA  1 
ATOM   407 C C   . THR B 1 30 ? -11.438 -11.236 -0.667  1.00 11.16 ? 610 THR B C   1 
ATOM   408 O O   . THR B 1 30 ? -10.442 -10.665 -1.126  1.00 11.59 ? 610 THR B O   1 
ATOM   409 C CB  . THR B 1 30 ? -11.735 -11.111 1.850   1.00 9.40  ? 610 THR B CB  1 
ATOM   410 O OG1 . THR B 1 30 ? -12.938 -10.356 1.592   1.00 10.52 ? 610 THR B OG1 1 
ATOM   411 C CG2 . THR B 1 30 ? -10.601 -10.084 2.106   1.00 7.80  ? 610 THR B CG2 1 
ATOM   412 N N   . ASP B 1 31 ? -12.625 -11.182 -1.247  1.00 14.36 ? 611 ASP B N   1 
ATOM   413 C CA  . ASP B 1 31 ? -12.868 -10.207 -2.304  1.00 17.71 ? 611 ASP B CA  1 
ATOM   414 C C   . ASP B 1 31 ? -12.843 -8.791  -1.698  1.00 19.00 ? 611 ASP B C   1 
ATOM   415 O O   . ASP B 1 31 ? -12.604 -7.803  -2.389  1.00 20.02 ? 611 ASP B O   1 
ATOM   416 C CB  . ASP B 1 31 ? -14.200 -10.453 -3.031  1.00 18.37 ? 611 ASP B CB  1 
ATOM   417 C CG  . ASP B 1 31 ? -14.298 -11.846 -3.660  1.00 21.06 ? 611 ASP B CG  1 
ATOM   418 O OD1 . ASP B 1 31 ? -15.430 -12.374 -3.738  1.00 23.99 ? 611 ASP B OD1 1 
ATOM   419 O OD2 . ASP B 1 31 ? -13.259 -12.404 -4.095  1.00 23.46 ? 611 ASP B OD2 1 
ATOM   420 O OXT . ASP B 1 31 ? -13.071 -8.567  -0.482  1.00 20.13 ? 611 ASP B OXT 1 
ATOM   421 N N   . ASN C 1 6  ? -2.469  17.042  1.020   1.00 19.06 ? 586 ASN C N   1 
ATOM   422 C CA  . ASN C 1 6  ? -1.084  17.352  1.511   1.00 17.23 ? 586 ASN C CA  1 
ATOM   423 C C   . ASN C 1 6  ? -0.086  17.363  0.352   1.00 14.64 ? 586 ASN C C   1 
ATOM   424 O O   . ASN C 1 6  ? -0.472  17.199  -0.804  1.00 16.73 ? 586 ASN C O   1 
ATOM   425 C CB  . ASN C 1 6  ? -0.684  16.302  2.567   1.00 19.36 ? 586 ASN C CB  1 
ATOM   426 C CG  . ASN C 1 6  ? -0.172  16.945  3.842   1.00 22.49 ? 586 ASN C CG  1 
ATOM   427 O OD1 . ASN C 1 6  ? -0.003  18.170  3.895   1.00 28.30 ? 586 ASN C OD1 1 
ATOM   428 N ND2 . ASN C 1 6  ? 0.067   16.132  4.877   1.00 26.81 ? 586 ASN C ND2 1 
ATOM   429 N N   . THR C 1 7  ? 1.195   17.554  0.625   1.00 11.02 ? 587 THR C N   1 
ATOM   430 C CA  . THR C 1 7  ? 2.130   17.707  -0.489  1.00 7.80  ? 587 THR C CA  1 
ATOM   431 C C   . THR C 1 7  ? 2.501   16.286  -0.941  1.00 6.28  ? 587 THR C C   1 
ATOM   432 O O   . THR C 1 7  ? 2.255   15.289  -0.222  1.00 6.20  ? 587 THR C O   1 
ATOM   433 C CB  . THR C 1 7  ? 3.419   18.382  -0.083  1.00 7.66  ? 587 THR C CB  1 
ATOM   434 O OG1 . THR C 1 7  ? 4.031   17.586  0.951   1.00 8.76  ? 587 THR C OG1 1 
ATOM   435 C CG2 . THR C 1 7  ? 3.170   19.833  0.420   1.00 8.63  ? 587 THR C CG2 1 
ATOM   436 N N   . ILE C 1 8  ? 3.020   16.179  -2.160  1.00 4.99  ? 588 ILE C N   1 
ATOM   437 C CA  . ILE C 1 8  ? 3.489   14.875  -2.663  1.00 5.75  ? 588 ILE C CA  1 
ATOM   438 C C   . ILE C 1 8  ? 4.531   14.206  -1.753  1.00 5.84  ? 588 ILE C C   1 
ATOM   439 O O   . ILE C 1 8  ? 4.505   13.002  -1.533  1.00 7.05  ? 588 ILE C O   1 
ATOM   440 C CB  . ILE C 1 8  ? 4.029   15.034  -4.133  1.00 7.17  ? 588 ILE C CB  1 
ATOM   441 C CG1 . ILE C 1 8  ? 2.856   15.392  -5.069  1.00 7.32  ? 588 ILE C CG1 1 
ATOM   442 C CG2 . ILE C 1 8  ? 4.808   13.761  -4.548  1.00 7.48  ? 588 ILE C CG2 1 
ATOM   443 C CD1 . ILE C 1 8  ? 3.256   15.790  -6.514  1.00 9.62  ? 588 ILE C CD1 1 
ATOM   444 N N   . GLY C 1 9  ? 5.495   14.982  -1.260  1.00 7.75  ? 589 GLY C N   1 
ATOM   445 C CA  . GLY C 1 9  ? 6.472   14.440  -0.302  1.00 8.62  ? 589 GLY C CA  1 
ATOM   446 C C   . GLY C 1 9  ? 5.801   13.870  0.935   1.00 8.10  ? 589 GLY C C   1 
ATOM   447 O O   . GLY C 1 9  ? 6.146   12.774  1.401   1.00 9.34  ? 589 GLY C O   1 
ATOM   448 N N   . ALA C 1 10 ? 4.856   14.602  1.503   1.00 7.59  ? 590 ALA C N   1 
ATOM   449 C CA  . ALA C 1 10 ? 4.205   14.114  2.728   1.00 7.00  ? 590 ALA C CA  1 
ATOM   450 C C   . ALA C 1 10 ? 3.399   12.845  2.414   1.00 6.82  ? 590 ALA C C   1 
ATOM   451 O O   . ALA C 1 10 ? 3.375   11.878  3.195   1.00 6.49  ? 590 ALA C O   1 
ATOM   452 C CB  . ALA C 1 10 ? 3.324   15.211  3.356   1.00 6.69  ? 590 ALA C CB  1 
ATOM   453 N N   . ARG C 1 11 ? 2.746   12.835  1.272   1.00 5.22  ? 591 ARG C N   1 
ATOM   454 C CA  . ARG C 1 11 ? 1.844   11.729  0.903   1.00 5.85  ? 591 ARG C CA  1 
ATOM   455 C C   . ARG C 1 11 ? 2.663   10.488  0.575   1.00 5.08  ? 591 ARG C C   1 
ATOM   456 O O   . ARG C 1 11 ? 2.215   9.326   0.803   1.00 4.96  ? 591 ARG C O   1 
ATOM   457 C CB  . ARG C 1 11 ? 0.952   12.133  -0.265  1.00 5.93  ? 591 ARG C CB  1 
ATOM   458 C CG  . ARG C 1 11 ? 0.022   13.295  0.101   1.00 9.39  ? 591 ARG C CG  1 
ATOM   459 C CD  . ARG C 1 11 ? -1.108  13.442  -0.860  1.00 12.56 ? 591 ARG C CD  1 
ATOM   460 N NE  . ARG C 1 11 ? -0.763  14.059  -2.096  1.00 24.12 ? 591 ARG C NE  1 
ATOM   461 C CZ  . ARG C 1 11 ? -0.976  13.508  -3.281  1.00 23.54 ? 591 ARG C CZ  1 
ATOM   462 N NH1 . ARG C 1 11 ? -1.514  12.313  -3.375  1.00 23.32 ? 591 ARG C NH1 1 
ATOM   463 N NH2 . ARG C 1 11 ? -0.642  14.167  -4.357  1.00 15.40 ? 591 ARG C NH2 1 
ATOM   464 N N   . LEU C 1 12 ? 3.862   10.684  0.028   1.00 3.58  ? 592 LEU C N   1 
ATOM   465 C CA  . LEU C 1 12 ? 4.713   9.502   -0.272  1.00 5.84  ? 592 LEU C CA  1 
ATOM   466 C C   . LEU C 1 12 ? 5.130   8.853   1.045   1.00 5.65  ? 592 LEU C C   1 
ATOM   467 O O   . LEU C 1 12 ? 4.998   7.635   1.197   1.00 5.66  ? 592 LEU C O   1 
ATOM   468 C CB  . LEU C 1 12 ? 5.907   9.859   -1.138  1.00 6.41  ? 592 LEU C CB  1 
ATOM   469 C CG  . LEU C 1 12 ? 6.789   8.690   -1.626  1.00 6.79  ? 592 LEU C CG  1 
ATOM   470 C CD1 . LEU C 1 12 ? 5.997   7.618   -2.267  1.00 8.27  ? 592 LEU C CD1 1 
ATOM   471 C CD2 . LEU C 1 12 ? 7.839   9.257   -2.558  1.00 7.65  ? 592 LEU C CD2 1 
ATOM   472 N N   . ASN C 1 13 ? 5.604   9.636   2.011   1.00 5.30  ? 593 ASN C N   1 
ATOM   473 C CA  . ASN C 1 13 ? 5.914   9.072   3.358   1.00 6.12  ? 593 ASN C CA  1 
ATOM   474 C C   . ASN C 1 13 ? 4.698   8.391   3.922   1.00 5.47  ? 593 ASN C C   1 
ATOM   475 O O   . ASN C 1 13 ? 4.765   7.291   4.490   1.00 6.65  ? 593 ASN C O   1 
ATOM   476 C CB  . ASN C 1 13 ? 6.356   10.158  4.355   1.00 7.75  ? 593 ASN C CB  1 
ATOM   477 C CG  . ASN C 1 13 ? 7.834   10.485  4.245   1.00 13.38 ? 593 ASN C CG  1 
ATOM   478 O OD1 . ASN C 1 13 ? 8.367   10.547  3.156   1.00 17.22 ? 593 ASN C OD1 1 
ATOM   479 N ND2 . ASN C 1 13 ? 8.502   10.696  5.394   1.00 19.18 ? 593 ASN C ND2 1 
ATOM   480 N N   . ARG C 1 14 ? 3.554   9.029   3.759   1.00 3.70  ? 594 ARG C N   1 
ATOM   481 C CA  . ARG C 1 14 ? 2.347   8.433   4.338   1.00 4.97  ? 594 ARG C CA  1 
ATOM   482 C C   . ARG C 1 14 ? 2.055   7.056   3.807   1.00 3.81  ? 594 ARG C C   1 
ATOM   483 O O   . ARG C 1 14 ? 1.726   6.123   4.578   1.00 3.07  ? 594 ARG C O   1 
ATOM   484 C CB  . ARG C 1 14 ? 1.133   9.286   4.086   1.00 6.56  ? 594 ARG C CB  1 
ATOM   485 C CG  . ARG C 1 14 ? -0.135  8.684   4.679   1.00 8.58  ? 594 ARG C CG  1 
ATOM   486 C CD  . ARG C 1 14 ? -1.205  9.749   4.595   1.00 15.60 ? 594 ARG C CD  1 
ATOM   487 N NE  . ARG C 1 14 ? -0.586  11.075  4.531   1.00 22.20 ? 594 ARG C NE  1 
ATOM   488 C CZ  . ARG C 1 14 ? -1.235  12.178  4.174   1.00 25.03 ? 594 ARG C CZ  1 
ATOM   489 N NH1 . ARG C 1 14 ? -2.526  12.109  3.872   1.00 27.08 ? 594 ARG C NH1 1 
ATOM   490 N NH2 . ARG C 1 14 ? -0.597  13.350  4.129   1.00 24.86 ? 594 ARG C NH2 1 
ATOM   491 N N   . VAL C 1 15 ? 2.080   6.921   2.491   1.00 3.10  ? 595 VAL C N   1 
ATOM   492 C CA  . VAL C 1 15 ? 1.733   5.628   1.917   1.00 3.67  ? 595 VAL C CA  1 
ATOM   493 C C   . VAL C 1 15 ? 2.782   4.556   2.209   1.00 3.33  ? 595 VAL C C   1 
ATOM   494 O O   . VAL C 1 15 ? 2.440   3.387   2.438   1.00 3.69  ? 595 VAL C O   1 
ATOM   495 C CB  . VAL C 1 15 ? 1.374   5.781   0.426   1.00 5.20  ? 595 VAL C CB  1 
ATOM   496 C CG1 . VAL C 1 15 ? 2.625   6.014   -0.416  1.00 3.04  ? 595 VAL C CG1 1 
ATOM   497 C CG2 . VAL C 1 15 ? 0.646   4.606   -0.069  1.00 3.71  ? 595 VAL C CG2 1 
ATOM   498 N N   . GLU C 1 16 ? 4.055   4.944   2.208   1.00 3.88  ? 596 GLU C N   1 
ATOM   499 C CA  . GLU C 1 16 ? 5.118   3.997   2.498   1.00 3.20  ? 596 GLU C CA  1 
ATOM   500 C C   . GLU C 1 16 ? 4.869   3.419   3.882   1.00 3.76  ? 596 GLU C C   1 
ATOM   501 O O   . GLU C 1 16 ? 4.958   2.219   4.072   1.00 4.46  ? 596 GLU C O   1 
ATOM   502 C CB  . GLU C 1 16 ? 6.459   4.714   2.510   1.00 4.54  ? 596 GLU C CB  1 
ATOM   503 C CG  . GLU C 1 16 ? 7.040   4.956   1.128   1.00 2.00  ? 596 GLU C CG  1 
ATOM   504 C CD  . GLU C 1 16 ? 8.282   5.822   1.190   1.00 6.31  ? 596 GLU C CD  1 
ATOM   505 O OE1 . GLU C 1 16 ? 8.421   6.651   2.129   1.00 9.50  ? 596 GLU C OE1 1 
ATOM   506 O OE2 . GLU C 1 16 ? 9.088   5.723   0.267   1.00 8.48  ? 596 GLU C OE2 1 
ATOM   507 N N   . ASP C 1 17 ? 4.569   4.263   4.877   1.00 3.87  ? 597 ASP C N   1 
ATOM   508 C CA  . ASP C 1 17 ? 4.395   3.755   6.238   1.00 3.08  ? 597 ASP C CA  1 
ATOM   509 C C   . ASP C 1 17 ? 3.075   2.995   6.361   1.00 3.68  ? 597 ASP C C   1 
ATOM   510 O O   . ASP C 1 17 ? 2.987   2.020   7.099   1.00 2.83  ? 597 ASP C O   1 
ATOM   511 C CB  . ASP C 1 17 ? 4.493   4.860   7.286   1.00 4.14  ? 597 ASP C CB  1 
ATOM   512 C CG  . ASP C 1 17 ? 5.951   5.194   7.635   1.00 7.55  ? 597 ASP C CG  1 
ATOM   513 O OD1 . ASP C 1 17 ? 6.847   4.679   6.920   1.00 9.88  ? 597 ASP C OD1 1 
ATOM   514 O OD2 . ASP C 1 17 ? 6.233   5.975   8.598   1.00 10.18 ? 597 ASP C OD2 1 
ATOM   515 N N   . LYS C 1 18 ? 2.072   3.412   5.609   1.00 3.83  ? 598 LYS C N   1 
ATOM   516 C CA  . LYS C 1 18 ? 0.779   2.652   5.694   1.00 3.47  ? 598 LYS C CA  1 
ATOM   517 C C   . LYS C 1 18 ? 0.935   1.244   5.147   1.00 3.85  ? 598 LYS C C   1 
ATOM   518 O O   . LYS C 1 18 ? 0.359   0.268   5.673   1.00 3.93  ? 598 LYS C O   1 
ATOM   519 C CB  . LYS C 1 18 ? -0.289  3.439   4.912   1.00 4.21  ? 598 LYS C CB  1 
ATOM   520 C CG  . LYS C 1 18 ? -1.713  2.805   4.981   1.00 6.25  ? 598 LYS C CG  1 
ATOM   521 C CD  . LYS C 1 18 ? -2.139  2.458   6.387   1.00 12.11 ? 598 LYS C CD  1 
ATOM   522 C CE  . LYS C 1 18 ? -2.583  3.670   7.175   1.00 13.94 ? 598 LYS C CE  1 
ATOM   523 N NZ  . LYS C 1 18 ? -3.535  3.209   8.285   1.00 10.61 ? 598 LYS C NZ  1 
ATOM   524 N N   . VAL C 1 19 ? 1.659   1.120   4.054   1.00 2.93  ? 599 VAL C N   1 
ATOM   525 C CA  . VAL C 1 19 ? 1.921   -0.194  3.448   1.00 4.58  ? 599 VAL C CA  1 
ATOM   526 C C   . VAL C 1 19 ? 2.670   -1.043  4.453   1.00 3.84  ? 599 VAL C C   1 
ATOM   527 O O   . VAL C 1 19 ? 2.292   -2.214  4.664   1.00 4.15  ? 599 VAL C O   1 
ATOM   528 C CB  . VAL C 1 19 ? 2.648   -0.083  2.143   1.00 5.56  ? 599 VAL C CB  1 
ATOM   529 C CG1 . VAL C 1 19 ? 3.062   -1.449  1.709   1.00 7.37  ? 599 VAL C CG1 1 
ATOM   530 C CG2 . VAL C 1 19 ? 1.700   0.573   1.125   1.00 6.18  ? 599 VAL C CG2 1 
ATOM   531 N N   . THR C 1 20 ? 3.634   -0.451  5.163   1.00 3.14  ? 600 THR C N   1 
ATOM   532 C CA  . THR C 1 20 ? 4.333   -1.239  6.208   1.00 4.04  ? 600 THR C CA  1 
ATOM   533 C C   . THR C 1 20 ? 3.367   -1.727  7.270   1.00 3.82  ? 600 THR C C   1 
ATOM   534 O O   . THR C 1 20 ? 3.362   -2.929  7.662   1.00 3.27  ? 600 THR C O   1 
ATOM   535 C CB  . THR C 1 20 ? 5.485   -0.467  6.825   1.00 4.17  ? 600 THR C CB  1 
ATOM   536 O OG1 . THR C 1 20 ? 6.407   -0.143  5.779   1.00 8.54  ? 600 THR C OG1 1 
ATOM   537 C CG2 . THR C 1 20 ? 6.169   -1.298  7.883   1.00 10.25 ? 600 THR C CG2 1 
ATOM   538 N N   . GLN C 1 21 ? 2.510   -0.826  7.732   1.00 4.01  ? 601 GLN C N   1 
ATOM   539 C CA  . GLN C 1 21 ? 1.465   -1.183  8.716   1.00 5.57  ? 601 GLN C CA  1 
ATOM   540 C C   . GLN C 1 21 ? 0.575   -2.337  8.251   1.00 5.16  ? 601 GLN C C   1 
ATOM   541 O O   . GLN C 1 21 ? 0.278   -3.294  9.014   1.00 5.62  ? 601 GLN C O   1 
ATOM   542 C CB  . GLN C 1 21 ? 0.614   0.063   8.957   1.00 4.02  ? 601 GLN C CB  1 
ATOM   543 C CG  . GLN C 1 21 ? -0.351  -0.113  10.139  1.00 6.15  ? 601 GLN C CG  1 
ATOM   544 C CD  . GLN C 1 21 ? -1.235  1.072   10.243  1.00 8.08  ? 601 GLN C CD  1 
ATOM   545 O OE1 . GLN C 1 21 ? -2.268  1.144   9.577   1.00 9.23  ? 601 GLN C OE1 1 
ATOM   546 N NE2 . GLN C 1 21 ? -0.816  2.057   11.037  1.00 3.61  ? 601 GLN C NE2 1 
ATOM   547 N N   . LEU C 1 22 ? 0.140   -2.260  6.998   1.00 5.69  ? 602 LEU C N   1 
ATOM   548 C CA  . LEU C 1 22 ? -0.699  -3.298  6.432   1.00 6.03  ? 602 LEU C CA  1 
ATOM   549 C C   . LEU C 1 22 ? 0.040   -4.624  6.465   1.00 5.80  ? 602 LEU C C   1 
ATOM   550 O O   . LEU C 1 22 ? -0.532  -5.655  6.817   1.00 6.68  ? 602 LEU C O   1 
ATOM   551 C CB  . LEU C 1 22 ? -1.077  -2.946  5.007   1.00 6.44  ? 602 LEU C CB  1 
ATOM   552 C CG  . LEU C 1 22 ? -2.053  -1.781  4.904   1.00 9.09  ? 602 LEU C CG  1 
ATOM   553 C CD1 . LEU C 1 22 ? -2.389  -1.576  3.440   1.00 8.76  ? 602 LEU C CD1 1 
ATOM   554 C CD2 . LEU C 1 22 ? -3.315  -2.016  5.734   1.00 11.67 ? 602 LEU C CD2 1 
ATOM   555 N N   . ASP C 1 23 ? 1.326   -4.579  6.126   1.00 5.48  ? 603 ASP C N   1 
ATOM   556 C CA  . ASP C 1 23 ? 2.128   -5.810  6.071   1.00 6.53  ? 603 ASP C CA  1 
ATOM   557 C C   . ASP C 1 23 ? 2.303   -6.402  7.459   1.00 5.79  ? 603 ASP C C   1 
ATOM   558 O O   . ASP C 1 23 ? 2.238   -7.633  7.634   1.00 5.93  ? 603 ASP C O   1 
ATOM   559 C CB  . ASP C 1 23 ? 3.487   -5.541  5.430   1.00 6.49  ? 603 ASP C CB  1 
ATOM   560 C CG  . ASP C 1 23 ? 3.407   -5.377  3.934   1.00 13.79 ? 603 ASP C CG  1 
ATOM   561 O OD1 . ASP C 1 23 ? 2.455   -5.903  3.342   1.00 20.39 ? 603 ASP C OD1 1 
ATOM   562 O OD2 . ASP C 1 23 ? 4.312   -4.750  3.334   1.00 20.15 ? 603 ASP C OD2 1 
ATOM   563 N N   . GLN C 1 24 ? 2.517   -5.549  8.446   1.00 5.11  ? 604 GLN C N   1 
ATOM   564 C CA  . GLN C 1 24 ? 2.665   -6.006  9.854   1.00 4.64  ? 604 GLN C CA  1 
ATOM   565 C C   . GLN C 1 24 ? 1.359   -6.611  10.326  1.00 4.78  ? 604 GLN C C   1 
ATOM   566 O O   . GLN C 1 24 ? 1.378   -7.655  10.985  1.00 6.19  ? 604 GLN C O   1 
ATOM   567 C CB  . GLN C 1 24 ? 3.067   -4.795  10.739  1.00 4.05  ? 604 GLN C CB  1 
ATOM   568 C CG  . GLN C 1 24 ? 4.501   -4.297  10.406  1.00 9.03  ? 604 GLN C CG  1 
ATOM   569 C CD  . GLN C 1 24 ? 4.986   -3.225  11.352  1.00 13.89 ? 604 GLN C CD  1 
ATOM   570 O OE1 . GLN C 1 24 ? 4.307   -2.908  12.313  1.00 20.16 ? 604 GLN C OE1 1 
ATOM   571 N NE2 . GLN C 1 24 ? 6.171   -2.669  11.091  1.00 18.87 ? 604 GLN C NE2 1 
ATOM   572 N N   . ARG C 1 25 ? 0.216   -6.001  9.991   1.00 5.16  ? 605 ARG C N   1 
ATOM   573 C CA  A ARG C 1 25 ? -1.079  -6.547  10.469  0.50 5.12  ? 605 ARG C CA  1 
ATOM   574 C CA  B ARG C 1 25 ? -1.088  -6.540  10.462  0.50 5.47  ? 605 ARG C CA  1 
ATOM   575 C C   . ARG C 1 25 ? -1.393  -7.893  9.839   1.00 5.97  ? 605 ARG C C   1 
ATOM   576 O O   . ARG C 1 25 ? -1.902  -8.828  10.516  1.00 5.52  ? 605 ARG C O   1 
ATOM   577 C CB  A ARG C 1 25 ? -2.230  -5.559  10.228  0.50 5.47  ? 605 ARG C CB  1 
ATOM   578 C CB  B ARG C 1 25 ? -2.235  -5.544  10.197  0.50 6.05  ? 605 ARG C CB  1 
ATOM   579 C CG  A ARG C 1 25 ? -2.097  -4.204  10.987  0.50 4.84  ? 605 ARG C CG  1 
ATOM   580 C CG  B ARG C 1 25 ? -2.258  -4.312  11.159  0.50 6.96  ? 605 ARG C CG  1 
ATOM   581 C CD  A ARG C 1 25 ? -3.275  -3.283  10.651  0.50 3.62  ? 605 ARG C CD  1 
ATOM   582 C CD  B ARG C 1 25 ? -2.749  -3.019  10.477  0.50 8.78  ? 605 ARG C CD  1 
ATOM   583 N NE  A ARG C 1 25 ? -4.550  -3.987  10.725  0.50 3.87  ? 605 ARG C NE  1 
ATOM   584 N NE  B ARG C 1 25 ? -4.075  -3.127  9.863   0.50 9.30  ? 605 ARG C NE  1 
ATOM   585 C CZ  A ARG C 1 25 ? -5.675  -3.607  10.119  0.50 3.25  ? 605 ARG C CZ  1 
ATOM   586 C CZ  B ARG C 1 25 ? -4.659  -2.158  9.152   0.50 7.68  ? 605 ARG C CZ  1 
ATOM   587 N NH1 A ARG C 1 25 ? -5.695  -2.537  9.352   0.50 7.13  ? 605 ARG C NH1 1 
ATOM   588 N NH1 B ARG C 1 25 ? -4.050  -0.994  8.942   0.50 13.37 ? 605 ARG C NH1 1 
ATOM   589 N NH2 A ARG C 1 25 ? -6.773  -4.349  10.263  0.50 6.68  ? 605 ARG C NH2 1 
ATOM   590 N NH2 B ARG C 1 25 ? -5.858  -2.368  8.624   0.50 9.83  ? 605 ARG C NH2 1 
ATOM   591 N N   . LEU C 1 26 ? -1.095  -8.038  8.555   1.00 4.81  ? 606 LEU C N   1 
ATOM   592 C CA  . LEU C 1 26 ? -1.375  -9.298  7.884   1.00 5.94  ? 606 LEU C CA  1 
ATOM   593 C C   . LEU C 1 26 ? -0.423  -10.334 8.464   1.00 5.99  ? 606 LEU C C   1 
ATOM   594 O O   . LEU C 1 26 ? -0.821  -11.461 8.743   1.00 6.51  ? 606 LEU C O   1 
ATOM   595 C CB  . LEU C 1 26 ? -1.217  -9.143  6.378   1.00 6.16  ? 606 LEU C CB  1 
ATOM   596 C CG  . LEU C 1 26 ? -1.474  -10.441 5.635   1.00 3.35  ? 606 LEU C CG  1 
ATOM   597 C CD1 . LEU C 1 26 ? -2.859  -11.066 6.073   1.00 7.46  ? 606 LEU C CD1 1 
ATOM   598 C CD2 . LEU C 1 26 ? -1.332  -10.217 4.124   1.00 8.37  ? 606 LEU C CD2 1 
ATOM   599 N N   . ALA C 1 27 ? 0.841   -9.949  8.649   1.00 5.81  ? 607 ALA C N   1 
ATOM   600 C CA  . ALA C 1 27 ? 1.852   -10.905 9.202   1.00 7.40  ? 607 ALA C CA  1 
ATOM   601 C C   . ALA C 1 27 ? 1.533   -11.514 10.565  1.00 8.46  ? 607 ALA C C   1 
ATOM   602 O O   . ALA C 1 27 ? 1.911   -12.664 10.871  1.00 8.67  ? 607 ALA C O   1 
ATOM   603 C CB  . ALA C 1 27 ? 3.242   -10.193 9.243   1.00 7.44  ? 607 ALA C CB  1 
ATOM   604 N N   . LEU C 1 28 ? 0.821   -10.764 11.395  1.00 7.88  ? 608 LEU C N   1 
ATOM   605 C CA  . LEU C 1 28 ? 0.503   -11.235 12.720  1.00 9.14  ? 608 LEU C CA  1 
ATOM   606 C C   . LEU C 1 28 ? -0.421  -12.435 12.528  1.00 9.59  ? 608 LEU C C   1 
ATOM   607 O O   . LEU C 1 28 ? -0.405  -13.416 13.330  1.00 10.46 ? 608 LEU C O   1 
ATOM   608 C CB  . LEU C 1 28 ? -0.186  -10.114 13.487  1.00 8.18  ? 608 LEU C CB  1 
ATOM   609 C CG  . LEU C 1 28 ? -0.586  -10.507 14.907  1.00 8.41  ? 608 LEU C CG  1 
ATOM   610 C CD1 . LEU C 1 28 ? 0.611   -11.013 15.705  1.00 9.27  ? 608 LEU C CD1 1 
ATOM   611 C CD2 . LEU C 1 28 ? -1.256  -9.349  15.569  1.00 8.44  ? 608 LEU C CD2 1 
ATOM   612 N N   . ILE C 1 29 ? -1.211  -12.417 11.458  1.00 10.48 ? 609 ILE C N   1 
ATOM   613 C CA  . ILE C 1 29 ? -2.123  -13.564 11.219  1.00 13.62 ? 609 ILE C CA  1 
ATOM   614 C C   . ILE C 1 29 ? -1.486  -14.675 10.402  1.00 13.74 ? 609 ILE C C   1 
ATOM   615 O O   . ILE C 1 29 ? -1.703  -15.878 10.688  1.00 14.15 ? 609 ILE C O   1 
ATOM   616 C CB  . ILE C 1 29 ? -3.420  -13.163 10.477  1.00 13.78 ? 609 ILE C CB  1 
ATOM   617 C CG1 . ILE C 1 29 ? -4.117  -12.017 11.200  1.00 17.15 ? 609 ILE C CG1 1 
ATOM   618 C CG2 . ILE C 1 29 ? -4.377  -14.350 10.412  1.00 16.36 ? 609 ILE C CG2 1 
ATOM   619 C CD1 . ILE C 1 29 ? -4.516  -12.369 12.645  1.00 20.51 ? 609 ILE C CD1 1 
ATOM   620 N N   . THR C 1 30 ? -0.738  -14.315 9.364   1.00 13.57 ? 610 THR C N   1 
ATOM   621 C CA  . THR C 1 30 ? -0.261  -15.347 8.430   1.00 14.97 ? 610 THR C CA  1 
ATOM   622 C C   . THR C 1 30 ? 1.040   -15.028 7.750   1.00 17.77 ? 610 THR C C   1 
ATOM   623 O O   . THR C 1 30 ? 1.262   -13.874 7.315   1.00 16.51 ? 610 THR C O   1 
ATOM   624 C CB  . THR C 1 30 ? -1.336  -15.747 7.357   1.00 15.27 ? 610 THR C CB  1 
ATOM   625 O OG1 . THR C 1 30 ? -0.864  -16.852 6.558   1.00 15.98 ? 610 THR C OG1 1 
ATOM   626 C CG2 . THR C 1 30 ? -1.703  -14.580 6.442   1.00 13.47 ? 610 THR C CG2 1 
ATOM   627 N N   . ASP C 1 31 ? 1.894   -16.050 7.723   1.00 20.25 ? 611 ASP C N   1 
ATOM   628 C CA  . ASP C 1 31 ? 3.026   -16.188 6.793   1.00 22.88 ? 611 ASP C CA  1 
ATOM   629 C C   . ASP C 1 31 ? 4.416   -16.576 7.328   1.00 23.61 ? 611 ASP C C   1 
ATOM   630 O O   . ASP C 1 31 ? 4.595   -17.718 7.776   1.00 24.62 ? 611 ASP C O   1 
ATOM   631 C CB  . ASP C 1 31 ? 3.076   -15.090 5.744   1.00 24.25 ? 611 ASP C CB  1 
ATOM   632 C CG  . ASP C 1 31 ? 2.411   -15.529 4.459   1.00 25.34 ? 611 ASP C CG  1 
ATOM   633 O OD1 . ASP C 1 31 ? 1.383   -16.238 4.557   1.00 25.48 ? 611 ASP C OD1 1 
ATOM   634 O OD2 . ASP C 1 31 ? 2.904   -15.181 3.372   1.00 28.29 ? 611 ASP C OD2 1 
ATOM   635 O OXT . ASP C 1 31 ? 5.382   -15.802 7.276   1.00 24.69 ? 611 ASP C OXT 1 
HETATM 636 O O   . HOH D 2 .  ? -4.049  -3.045  14.301  1.00 17.34 ? 1   HOH A O   1 
HETATM 637 O O   . HOH D 2 .  ? -0.675  9.114   1.167   1.00 13.13 ? 3   HOH A O   1 
HETATM 638 O O   . HOH D 2 .  ? -14.937 -10.517 7.701   1.00 17.38 ? 4   HOH A O   1 
HETATM 639 O O   . HOH D 2 .  ? -4.136  5.699   1.122   1.00 15.38 ? 13  HOH A O   1 
HETATM 640 O O   . HOH D 2 .  ? -3.983  10.060  -10.924 1.00 19.92 ? 15  HOH A O   1 
HETATM 641 O O   . HOH D 2 .  ? 6.675   7.890   -13.650 1.00 21.42 ? 16  HOH A O   1 
HETATM 642 O O   . HOH D 2 .  ? -6.161  -6.064  18.447  1.00 20.62 ? 24  HOH A O   1 
HETATM 643 O O   . HOH D 2 .  ? -10.924 6.040   -6.090  1.00 20.68 ? 26  HOH A O   1 
HETATM 644 O O   . HOH D 2 .  ? -4.797  4.591   3.569   1.00 19.39 ? 27  HOH A O   1 
HETATM 645 O O   . HOH D 2 .  ? -9.205  2.591   4.443   1.00 29.30 ? 29  HOH A O   1 
HETATM 646 O O   . HOH D 2 .  ? -5.709  9.649   -3.972  1.00 26.82 ? 32  HOH A O   1 
HETATM 647 O O   . HOH D 2 .  ? 1.985   11.712  -17.754 1.00 28.21 ? 36  HOH A O   1 
HETATM 648 O O   . HOH D 2 .  ? -1.631  6.671   2.187   1.00 21.89 ? 37  HOH A O   1 
HETATM 649 O O   . HOH D 2 .  ? 0.875   15.212  -12.044 1.00 22.13 ? 38  HOH A O   1 
HETATM 650 O O   . HOH D 2 .  ? -4.951  -7.523  14.126  1.00 27.10 ? 39  HOH A O   1 
HETATM 651 O O   . HOH D 2 .  ? -11.268 -5.032  11.732  1.00 19.72 ? 40  HOH A O   1 
HETATM 652 O O   . HOH D 2 .  ? -0.276  3.722   -11.830 1.00 25.96 ? 44  HOH A O   1 
HETATM 653 O O   . HOH D 2 .  ? -6.992  -2.674  12.989  1.00 44.94 ? 48  HOH A O   1 
HETATM 654 O O   . HOH D 2 .  ? -5.972  2.289   -7.770  1.00 24.51 ? 51  HOH A O   1 
HETATM 655 O O   . HOH D 2 .  ? -5.828  11.871  -4.512  0.50 74.06 ? 59  HOH A O   1 
HETATM 656 O O   . HOH D 2 .  ? -12.480 -2.200  -0.526  1.00 28.79 ? 60  HOH A O   1 
HETATM 657 O O   . HOH D 2 .  ? 0.168   12.720  -14.986 1.00 24.60 ? 61  HOH A O   1 
HETATM 658 O O   . HOH D 2 .  ? -10.734 6.014   -1.899  1.00 26.62 ? 64  HOH A O   1 
HETATM 659 O O   . HOH D 2 .  ? -9.669  -3.226  -4.160  1.00 28.83 ? 66  HOH A O   1 
HETATM 660 O O   . HOH E 2 .  ? 0.402   3.693   -9.214  1.00 12.30 ? 5   HOH B O   1 
HETATM 661 O O   . HOH E 2 .  ? 0.700   -1.130  -7.138  1.00 18.51 ? 8   HOH B O   1 
HETATM 662 O O   . HOH E 2 .  ? 1.740   -11.785 -3.668  1.00 15.12 ? 9   HOH B O   1 
HETATM 663 O O   . HOH E 2 .  ? 4.013   -6.117  0.496   1.00 18.56 ? 10  HOH B O   1 
HETATM 664 O O   . HOH E 2 .  ? -1.705  -7.772  -7.213  1.00 18.65 ? 11  HOH B O   1 
HETATM 665 O O   . HOH E 2 .  ? 5.298   -6.864  -6.412  1.00 12.74 ? 12  HOH B O   1 
HETATM 666 O O   . HOH E 2 .  ? 2.597   1.258   -11.899 1.00 16.00 ? 14  HOH B O   1 
HETATM 667 O O   . HOH E 2 .  ? 8.392   1.250   0.456   1.00 18.64 ? 17  HOH B O   1 
HETATM 668 O O   . HOH E 2 .  ? -1.247  -2.638  -7.308  1.00 28.34 ? 18  HOH B O   1 
HETATM 669 O O   . HOH E 2 .  ? 5.023   -3.519  -9.935  1.00 13.15 ? 19  HOH B O   1 
HETATM 670 O O   . HOH E 2 .  ? 0.434   -15.505 -2.332  1.00 22.27 ? 21  HOH B O   1 
HETATM 671 O O   . HOH E 2 .  ? 2.357   -2.182  -9.005  1.00 20.87 ? 25  HOH B O   1 
HETATM 672 O O   . HOH E 2 .  ? -1.547  -17.556 -5.835  1.00 31.84 ? 28  HOH B O   1 
HETATM 673 O O   . HOH E 2 .  ? -4.506  -13.326 -5.726  1.00 23.18 ? 30  HOH B O   1 
HETATM 674 O O   . HOH E 2 .  ? -2.997  -15.002 1.190   1.00 20.35 ? 31  HOH B O   1 
HETATM 675 O O   . HOH E 2 .  ? 13.204  1.281   -8.970  1.00 20.10 ? 41  HOH B O   1 
HETATM 676 O O   . HOH E 2 .  ? -6.637  -18.940 -0.711  1.00 22.63 ? 50  HOH B O   1 
HETATM 677 O O   . HOH E 2 .  ? 17.573  5.590   -5.913  1.00 35.82 ? 52  HOH B O   1 
HETATM 678 O O   . HOH E 2 .  ? -15.135 -11.331 2.649   1.00 20.63 ? 53  HOH B O   1 
HETATM 679 O O   . HOH E 2 .  ? 12.880  0.837   -6.384  1.00 22.35 ? 57  HOH B O   1 
HETATM 680 O O   . HOH F 2 .  ? 0.510   6.502   7.063   1.00 9.45  ? 2   HOH C O   1 
HETATM 681 O O   . HOH F 2 .  ? 9.329   3.235   -0.897  1.00 9.55  ? 6   HOH C O   1 
HETATM 682 O O   . HOH F 2 .  ? 6.118   18.451  2.425   1.00 21.69 ? 7   HOH C O   1 
HETATM 683 O O   . HOH F 2 .  ? 2.652   -9.505  5.599   1.00 19.67 ? 20  HOH C O   1 
HETATM 684 O O   . HOH F 2 .  ? -2.081  -18.490 9.713   1.00 19.97 ? 22  HOH C O   1 
HETATM 685 O O   . HOH F 2 .  ? 4.348   1.959   9.708   1.00 19.94 ? 23  HOH C O   1 
HETATM 686 O O   . HOH F 2 .  ? 6.674   0.720   2.383   1.00 20.20 ? 33  HOH C O   1 
HETATM 687 O O   . HOH F 2 .  ? 11.079  12.113  5.986   1.00 20.49 ? 34  HOH C O   1 
HETATM 688 O O   . HOH F 2 .  ? 8.816   12.260  1.476   1.00 26.42 ? 35  HOH C O   1 
HETATM 689 O O   . HOH F 2 .  ? -2.122  6.947   6.576   1.00 24.38 ? 42  HOH C O   1 
HETATM 690 O O   . HOH F 2 .  ? -3.208  -8.773  12.830  1.00 33.37 ? 43  HOH C O   1 
HETATM 691 O O   . HOH F 2 .  ? -2.725  9.775   7.979   1.00 33.14 ? 45  HOH C O   1 
HETATM 692 O O   . HOH F 2 .  ? 3.683   12.062  5.878   1.00 18.87 ? 46  HOH C O   1 
HETATM 693 O O   . HOH F 2 .  ? 1.312   11.312  6.982   1.00 18.41 ? 47  HOH C O   1 
HETATM 694 O O   . HOH F 2 .  ? 7.678   2.282   6.085   1.00 23.11 ? 49  HOH C O   1 
HETATM 695 O O   . HOH F 2 .  ? 2.245   -18.649 8.669   1.00 50.34 ? 54  HOH C O   1 
HETATM 696 O O   . HOH F 2 .  ? -1.177  13.908  -6.977  1.00 19.71 ? 55  HOH C O   1 
HETATM 697 O O   . HOH F 2 .  ? 8.342   6.494   5.046   1.00 24.21 ? 56  HOH C O   1 
HETATM 698 O O   . HOH F 2 .  ? 4.141   -20.535 8.937   1.00 66.34 ? 58  HOH C O   1 
HETATM 699 O O   . HOH F 2 .  ? 6.407   -4.043  4.457   1.00 25.39 ? 62  HOH C O   1 
HETATM 700 O O   . HOH F 2 .  ? 2.472   18.463  3.601   1.00 29.68 ? 63  HOH C O   1 
HETATM 701 O O   . HOH F 2 .  ? 1.141   -12.874 4.270   1.00 33.48 ? 65  HOH C O   1 
# 
